data_7O7A
#
_entry.id   7O7A
#
_cell.length_a   81.290
_cell.length_b   47.290
_cell.length_c   116.730
_cell.angle_alpha   90.000
_cell.angle_beta   98.030
_cell.angle_gamma   90.000
#
_symmetry.space_group_name_H-M   'P 1 21 1'
#
loop_
_entity.id
_entity.type
_entity.pdbx_description
1 polymer 'Aliginate lyase'
2 water water
#
_entity_poly.entity_id   1
_entity_poly.type   'polypeptide(L)'
_entity_poly.pdbx_seq_one_letter_code
;SEKITDGINKTISATGNIYNISSANELNALKLQPGDKVIFKKGNWKNQQINFKANGTKEKPVVLAAEKGGETIFSGNSNL
KIDGNWLVVDGFVFKDGFSEKADVILFTKSTSNSRITNSSIINYNHPDKTFDYKWLSLNGENNRVDHCDFTGKTHQGTTL
VVWLDEKPNHHQIDHNYFGPRPALGVNGGETIRIGTSTWSMHDSYTLVENNIFDKCDGEMEIISLKSGHNTVNNNLFYEC
DGTVTFRHGNYNTVSNNYILGNGKKNTGGIRIIGENHKVFGNYLQGLDGSGLRAAISIMSALEKPQLHEYFQVINPQIVG
NIIADSKEGIDIGAGKNEKRMLPPKDGFLKNNYVINTRTVIKTENEPEGLLIENNQTDASSLPKGFTKVGSDLVKSDGIW
QKKNDVKTPFWKKEKIGPEWNNVKMNF
;
_entity_poly.pdbx_strand_id   A,B
#
# COMPACT_ATOMS: atom_id res chain seq x y z
N THR A 15 -34.14 9.18 19.96
CA THR A 15 -33.97 7.74 19.75
C THR A 15 -33.60 7.45 18.25
N GLY A 16 -33.41 6.18 17.91
CA GLY A 16 -33.05 5.79 16.54
C GLY A 16 -34.03 4.85 15.86
N ASN A 17 -34.05 4.87 14.52
CA ASN A 17 -34.92 4.04 13.70
C ASN A 17 -34.44 2.59 13.68
N ILE A 18 -35.37 1.63 13.62
CA ILE A 18 -35.02 0.21 13.57
C ILE A 18 -35.55 -0.34 12.28
N TYR A 19 -34.67 -0.87 11.41
CA TYR A 19 -35.08 -1.42 10.12
C TYR A 19 -34.92 -2.93 10.10
N ASN A 20 -36.00 -3.65 9.81
CA ASN A 20 -35.98 -5.10 9.74
C ASN A 20 -35.84 -5.52 8.29
N ILE A 21 -34.74 -6.19 7.96
CA ILE A 21 -34.44 -6.59 6.58
C ILE A 21 -34.03 -8.07 6.51
N SER A 22 -34.01 -8.61 5.30
CA SER A 22 -33.52 -9.96 5.02
C SER A 22 -32.76 -10.00 3.69
N SER A 23 -32.28 -8.84 3.20
CA SER A 23 -31.58 -8.78 1.93
C SER A 23 -30.61 -7.62 1.85
N ALA A 24 -29.54 -7.81 1.08
CA ALA A 24 -28.55 -6.78 0.80
C ALA A 24 -29.21 -5.60 0.08
N ASN A 25 -30.22 -5.88 -0.76
CA ASN A 25 -31.00 -4.93 -1.55
C ASN A 25 -31.83 -4.00 -0.65
N GLU A 26 -32.37 -4.51 0.47
CA GLU A 26 -33.11 -3.69 1.41
C GLU A 26 -32.11 -2.77 2.14
N LEU A 27 -30.93 -3.31 2.53
CA LEU A 27 -29.90 -2.51 3.19
C LEU A 27 -29.44 -1.37 2.27
N ASN A 28 -29.24 -1.67 0.99
CA ASN A 28 -28.81 -0.71 -0.02
C ASN A 28 -29.80 0.43 -0.22
N ALA A 29 -31.09 0.18 0.01
CA ALA A 29 -32.11 1.21 -0.15
C ALA A 29 -32.29 2.10 1.10
N LEU A 30 -31.68 1.72 2.24
CA LEU A 30 -31.79 2.52 3.45
C LEU A 30 -30.87 3.71 3.45
N LYS A 31 -31.33 4.82 3.99
CA LYS A 31 -30.54 6.02 4.16
C LYS A 31 -30.35 6.05 5.68
N LEU A 32 -29.22 5.49 6.13
CA LEU A 32 -28.95 5.35 7.55
C LEU A 32 -28.40 6.63 8.19
N GLN A 33 -28.87 6.91 9.39
CA GLN A 33 -28.46 8.08 10.18
C GLN A 33 -27.88 7.60 11.51
N PRO A 34 -27.00 8.39 12.18
CA PRO A 34 -26.48 7.97 13.49
C PRO A 34 -27.56 7.56 14.48
N GLY A 35 -27.39 6.39 15.10
CA GLY A 35 -28.32 5.86 16.07
C GLY A 35 -29.24 4.77 15.52
N ASP A 36 -29.26 4.59 14.18
CA ASP A 36 -30.09 3.57 13.54
C ASP A 36 -29.62 2.15 13.83
N LYS A 37 -30.54 1.20 13.81
CA LYS A 37 -30.19 -0.21 13.97
C LYS A 37 -30.86 -0.96 12.84
N VAL A 38 -30.09 -1.77 12.13
CA VAL A 38 -30.60 -2.58 11.04
C VAL A 38 -30.55 -4.01 11.49
N ILE A 39 -31.71 -4.64 11.64
CA ILE A 39 -31.78 -6.02 12.08
C ILE A 39 -31.95 -6.96 10.90
N PHE A 40 -31.01 -7.90 10.73
CA PHE A 40 -31.08 -8.86 9.65
C PHE A 40 -31.74 -10.09 10.20
N LYS A 41 -32.88 -10.44 9.61
CA LYS A 41 -33.73 -11.53 10.04
C LYS A 41 -33.04 -12.89 10.08
N LYS A 42 -33.45 -13.69 11.03
CA LYS A 42 -32.99 -15.05 11.28
C LYS A 42 -33.22 -15.91 10.05
N GLY A 43 -32.26 -16.76 9.72
CA GLY A 43 -32.35 -17.65 8.58
C GLY A 43 -31.04 -17.88 7.86
N ASN A 44 -31.08 -18.68 6.78
CA ASN A 44 -29.91 -19.00 5.97
C ASN A 44 -30.10 -18.33 4.63
N TRP A 45 -29.24 -17.36 4.34
CA TRP A 45 -29.35 -16.52 3.16
C TRP A 45 -28.14 -16.71 2.30
N LYS A 46 -28.35 -17.01 1.00
CA LYS A 46 -27.20 -17.29 0.14
C LYS A 46 -26.87 -16.16 -0.81
N ASN A 47 -25.59 -16.14 -1.26
CA ASN A 47 -25.03 -15.17 -2.20
C ASN A 47 -25.31 -13.71 -1.78
N GLN A 48 -25.17 -13.42 -0.49
CA GLN A 48 -25.44 -12.09 0.03
C GLN A 48 -24.24 -11.18 -0.10
N GLN A 49 -24.37 -10.07 -0.84
CA GLN A 49 -23.29 -9.11 -0.98
C GLN A 49 -23.61 -7.89 -0.13
N ILE A 50 -23.22 -7.95 1.14
CA ILE A 50 -23.56 -6.92 2.13
C ILE A 50 -22.62 -5.72 2.14
N ASN A 51 -23.13 -4.54 1.83
CA ASN A 51 -22.32 -3.31 1.85
C ASN A 51 -22.87 -2.41 2.95
N PHE A 52 -22.24 -2.45 4.12
CA PHE A 52 -22.68 -1.66 5.26
C PHE A 52 -21.98 -0.30 5.16
N LYS A 53 -22.56 0.59 4.35
CA LYS A 53 -21.99 1.90 4.11
C LYS A 53 -22.88 2.91 4.73
N ALA A 54 -22.41 3.46 5.86
CA ALA A 54 -23.14 4.45 6.66
C ALA A 54 -22.10 5.19 7.55
N ASN A 55 -22.50 6.29 8.17
CA ASN A 55 -21.64 7.01 9.10
C ASN A 55 -22.42 7.32 10.37
N GLY A 56 -21.95 6.78 11.48
CA GLY A 56 -22.51 7.06 12.78
C GLY A 56 -21.65 8.09 13.48
N THR A 57 -21.86 8.26 14.76
CA THR A 57 -21.06 9.15 15.61
C THR A 57 -20.67 8.36 16.87
N LYS A 58 -19.71 8.89 17.66
CA LYS A 58 -19.28 8.28 18.93
C LYS A 58 -20.47 8.01 19.85
N GLU A 59 -21.34 8.99 19.95
CA GLU A 59 -22.52 9.02 20.78
C GLU A 59 -23.61 8.10 20.23
N LYS A 60 -23.80 8.11 18.91
CA LYS A 60 -24.85 7.35 18.23
C LYS A 60 -24.31 6.45 17.11
N PRO A 61 -23.82 5.24 17.44
CA PRO A 61 -23.31 4.35 16.39
C PRO A 61 -24.41 3.75 15.53
N VAL A 62 -24.07 3.37 14.28
CA VAL A 62 -25.03 2.70 13.42
C VAL A 62 -24.76 1.20 13.54
N VAL A 63 -25.76 0.41 13.95
CA VAL A 63 -25.63 -1.04 14.16
C VAL A 63 -26.32 -1.83 13.05
N LEU A 64 -25.73 -2.97 12.66
CA LEU A 64 -26.23 -3.94 11.72
C LEU A 64 -26.10 -5.22 12.54
N ALA A 65 -27.23 -5.74 13.01
CA ALA A 65 -27.23 -6.87 13.91
C ALA A 65 -28.10 -8.01 13.44
N ALA A 66 -27.69 -9.23 13.74
CA ALA A 66 -28.50 -10.40 13.47
C ALA A 66 -29.67 -10.38 14.46
N GLU A 67 -30.86 -10.81 14.01
CA GLU A 67 -32.08 -10.89 14.83
C GLU A 67 -31.81 -11.64 16.14
N LYS A 68 -31.11 -12.74 16.02
CA LYS A 68 -30.65 -13.58 17.12
C LYS A 68 -29.24 -13.97 16.71
N GLY A 69 -28.26 -13.64 17.53
CA GLY A 69 -26.85 -13.94 17.25
C GLY A 69 -26.59 -15.38 16.88
N GLY A 70 -25.84 -15.57 15.80
CA GLY A 70 -25.52 -16.91 15.31
C GLY A 70 -26.63 -17.62 14.57
N GLU A 71 -27.76 -16.94 14.36
CA GLU A 71 -28.90 -17.54 13.66
C GLU A 71 -29.17 -16.90 12.28
N THR A 72 -28.36 -15.90 11.89
CA THR A 72 -28.42 -15.27 10.59
C THR A 72 -27.15 -15.75 9.92
N ILE A 73 -27.30 -16.72 9.01
CA ILE A 73 -26.21 -17.40 8.33
C ILE A 73 -26.12 -16.93 6.90
N PHE A 74 -24.91 -16.58 6.44
CA PHE A 74 -24.64 -16.17 5.07
C PHE A 74 -23.86 -17.31 4.45
N SER A 75 -24.48 -17.97 3.49
CA SER A 75 -23.90 -19.11 2.80
C SER A 75 -23.61 -18.77 1.31
N GLY A 76 -23.08 -19.75 0.58
CA GLY A 76 -22.75 -19.53 -0.82
C GLY A 76 -21.67 -18.50 -0.99
N ASN A 77 -21.80 -17.62 -1.97
CA ASN A 77 -20.82 -16.57 -2.18
C ASN A 77 -21.28 -15.28 -1.55
N SER A 78 -21.10 -15.18 -0.23
CA SER A 78 -21.46 -14.01 0.55
C SER A 78 -20.19 -13.31 1.07
N ASN A 79 -20.24 -11.97 1.09
CA ASN A 79 -19.15 -11.13 1.56
C ASN A 79 -19.75 -9.92 2.29
N LEU A 80 -18.98 -9.34 3.21
CA LEU A 80 -19.39 -8.19 3.97
C LEU A 80 -18.34 -7.12 3.84
N LYS A 81 -18.80 -5.88 3.64
CA LYS A 81 -17.95 -4.72 3.59
C LYS A 81 -18.47 -3.72 4.62
N ILE A 82 -17.60 -3.23 5.49
CA ILE A 82 -17.93 -2.23 6.50
C ILE A 82 -17.25 -0.97 5.99
N ASP A 83 -18.03 0.07 5.66
CA ASP A 83 -17.49 1.26 5.03
C ASP A 83 -18.03 2.54 5.64
N GLY A 84 -17.37 3.02 6.69
CA GLY A 84 -17.78 4.24 7.35
C GLY A 84 -17.25 4.41 8.75
N ASN A 85 -17.78 5.36 9.49
CA ASN A 85 -17.32 5.62 10.84
C ASN A 85 -18.35 5.24 11.86
N TRP A 86 -17.91 4.79 13.01
CA TRP A 86 -18.79 4.43 14.10
C TRP A 86 -19.90 3.44 13.74
N LEU A 87 -19.52 2.35 13.04
CA LEU A 87 -20.40 1.27 12.63
C LEU A 87 -20.16 0.03 13.50
N VAL A 88 -21.21 -0.77 13.73
CA VAL A 88 -21.09 -1.99 14.50
C VAL A 88 -21.83 -3.12 13.80
N VAL A 89 -21.13 -4.22 13.53
CA VAL A 89 -21.71 -5.42 12.95
C VAL A 89 -21.73 -6.47 14.07
N ASP A 90 -22.87 -7.12 14.28
CA ASP A 90 -23.03 -8.02 15.41
C ASP A 90 -23.88 -9.25 15.14
N GLY A 91 -23.34 -10.43 15.45
CA GLY A 91 -24.06 -11.70 15.39
C GLY A 91 -24.17 -12.48 14.10
N PHE A 92 -23.30 -12.21 13.11
CA PHE A 92 -23.39 -12.89 11.81
C PHE A 92 -22.52 -14.11 11.66
N VAL A 93 -22.92 -15.07 10.83
CA VAL A 93 -22.12 -16.29 10.60
C VAL A 93 -21.92 -16.51 9.11
N PHE A 94 -20.69 -16.74 8.67
CA PHE A 94 -20.41 -17.10 7.29
C PHE A 94 -19.96 -18.57 7.32
N LYS A 95 -20.68 -19.44 6.64
CA LYS A 95 -20.34 -20.85 6.54
C LYS A 95 -21.05 -21.42 5.30
N ASP A 96 -20.73 -22.68 4.91
CA ASP A 96 -21.33 -23.40 3.79
C ASP A 96 -21.23 -22.60 2.50
N GLY A 97 -20.06 -22.03 2.29
CA GLY A 97 -19.79 -21.21 1.12
C GLY A 97 -18.35 -20.81 1.05
N PHE A 98 -18.07 -19.81 0.23
CA PHE A 98 -16.74 -19.29 -0.01
C PHE A 98 -16.85 -17.97 -0.80
N SER A 99 -15.76 -17.21 -0.85
CA SER A 99 -15.74 -15.98 -1.62
C SER A 99 -15.20 -16.30 -3.00
N GLU A 100 -15.80 -15.69 -4.03
CA GLU A 100 -15.30 -15.85 -5.38
C GLU A 100 -14.08 -14.97 -5.65
N LYS A 101 -13.85 -13.91 -4.83
CA LYS A 101 -12.71 -13.03 -5.06
C LYS A 101 -12.32 -12.19 -3.84
N ALA A 102 -13.24 -11.37 -3.33
CA ALA A 102 -12.96 -10.44 -2.24
C ALA A 102 -12.69 -11.14 -0.90
N ASP A 103 -12.05 -10.45 0.05
CA ASP A 103 -11.88 -10.95 1.41
C ASP A 103 -13.29 -11.08 2.04
N VAL A 104 -13.54 -12.13 2.82
CA VAL A 104 -14.87 -12.38 3.38
C VAL A 104 -15.47 -11.15 4.08
N ILE A 105 -14.71 -10.54 4.99
CA ILE A 105 -15.13 -9.35 5.74
C ILE A 105 -14.05 -8.33 5.54
N LEU A 106 -14.43 -7.13 5.14
CA LEU A 106 -13.48 -6.08 4.86
C LEU A 106 -13.85 -4.80 5.52
N PHE A 107 -12.88 -4.16 6.14
CA PHE A 107 -13.02 -2.82 6.69
C PHE A 107 -12.30 -1.96 5.67
N THR A 108 -12.98 -0.96 5.12
CA THR A 108 -12.37 -0.10 4.10
C THR A 108 -11.36 0.86 4.71
N LYS A 109 -10.49 1.43 3.87
CA LYS A 109 -9.47 2.39 4.29
C LYS A 109 -10.09 3.67 4.86
N SER A 110 -11.35 3.97 4.48
CA SER A 110 -12.13 5.11 4.95
C SER A 110 -12.97 4.77 6.18
N THR A 111 -12.68 3.64 6.84
CA THR A 111 -13.42 3.18 7.99
C THR A 111 -12.69 3.47 9.27
N SER A 112 -13.38 4.08 10.24
CA SER A 112 -12.78 4.39 11.52
C SER A 112 -13.75 4.17 12.64
N ASN A 113 -13.22 3.80 13.82
CA ASN A 113 -14.00 3.56 15.03
C ASN A 113 -15.15 2.60 14.81
N SER A 114 -14.91 1.59 13.96
CA SER A 114 -15.92 0.62 13.64
C SER A 114 -15.58 -0.74 14.22
N ARG A 115 -16.59 -1.60 14.34
CA ARG A 115 -16.40 -2.84 15.05
C ARG A 115 -17.24 -3.96 14.52
N ILE A 116 -16.68 -5.18 14.52
CA ILE A 116 -17.43 -6.38 14.22
C ILE A 116 -17.32 -7.26 15.47
N THR A 117 -18.46 -7.73 15.97
CA THR A 117 -18.51 -8.52 17.19
C THR A 117 -19.47 -9.69 17.06
N ASN A 118 -19.26 -10.73 17.88
CA ASN A 118 -20.12 -11.92 17.89
C ASN A 118 -20.35 -12.54 16.51
N SER A 119 -19.32 -12.54 15.67
CA SER A 119 -19.46 -13.05 14.31
C SER A 119 -18.53 -14.23 14.01
N SER A 120 -18.87 -15.06 13.02
CA SER A 120 -18.06 -16.23 12.72
C SER A 120 -17.82 -16.44 11.26
N ILE A 121 -16.66 -17.01 10.92
CA ILE A 121 -16.35 -17.45 9.58
C ILE A 121 -15.89 -18.89 9.81
N ILE A 122 -16.64 -19.87 9.28
CA ILE A 122 -16.35 -21.27 9.54
C ILE A 122 -16.22 -22.07 8.27
N ASN A 123 -15.04 -22.66 8.01
CA ASN A 123 -14.73 -23.50 6.85
C ASN A 123 -15.23 -22.87 5.53
N TYR A 124 -15.11 -21.55 5.41
CA TYR A 124 -15.58 -20.78 4.27
C TYR A 124 -14.51 -20.79 3.16
N ASN A 125 -14.18 -22.00 2.74
CA ASN A 125 -13.07 -22.31 1.88
C ASN A 125 -13.37 -22.39 0.42
N HIS A 126 -12.48 -21.79 -0.35
CA HIS A 126 -12.57 -21.84 -1.80
C HIS A 126 -12.26 -23.28 -2.23
N PRO A 127 -13.03 -23.86 -3.18
CA PRO A 127 -12.70 -25.21 -3.67
C PRO A 127 -11.24 -25.35 -4.13
N ASP A 128 -10.61 -24.24 -4.58
CA ASP A 128 -9.20 -24.23 -4.99
C ASP A 128 -8.30 -23.74 -3.84
N LYS A 129 -7.50 -24.67 -3.31
CA LYS A 129 -6.56 -24.42 -2.21
C LYS A 129 -5.58 -23.29 -2.48
N THR A 130 -5.25 -23.06 -3.77
CA THR A 130 -4.29 -22.03 -4.17
C THR A 130 -4.92 -20.64 -4.40
N PHE A 131 -6.23 -20.52 -4.25
CA PHE A 131 -6.96 -19.27 -4.45
C PHE A 131 -6.87 -18.38 -3.21
N ASP A 132 -6.28 -17.19 -3.36
CA ASP A 132 -6.05 -16.30 -2.23
C ASP A 132 -7.13 -15.27 -1.93
N TYR A 133 -7.65 -15.32 -0.72
CA TYR A 133 -8.45 -14.28 -0.10
C TYR A 133 -8.28 -14.41 1.43
N LYS A 134 -8.43 -13.30 2.11
CA LYS A 134 -8.34 -13.31 3.58
C LYS A 134 -9.77 -13.41 4.12
N TRP A 135 -9.91 -13.86 5.36
CA TRP A 135 -11.21 -13.95 5.98
C TRP A 135 -11.58 -12.59 6.58
N LEU A 136 -10.60 -11.86 7.15
CA LEU A 136 -10.89 -10.53 7.66
C LEU A 136 -9.73 -9.64 7.37
N SER A 137 -10.02 -8.48 6.76
CA SER A 137 -9.01 -7.50 6.41
C SER A 137 -9.33 -6.21 7.09
N LEU A 138 -8.37 -5.68 7.83
CA LEU A 138 -8.52 -4.41 8.53
C LEU A 138 -7.76 -3.32 7.82
N ASN A 139 -8.45 -2.24 7.52
CA ASN A 139 -7.87 -1.03 7.00
C ASN A 139 -8.40 0.15 7.88
N GLY A 140 -7.97 1.38 7.63
CA GLY A 140 -8.46 2.53 8.38
C GLY A 140 -7.90 2.64 9.78
N GLU A 141 -8.64 3.24 10.72
CA GLU A 141 -8.12 3.46 12.07
C GLU A 141 -9.11 3.16 13.18
N ASN A 142 -8.59 2.76 14.33
CA ASN A 142 -9.33 2.47 15.54
C ASN A 142 -10.49 1.53 15.31
N ASN A 143 -10.27 0.49 14.50
CA ASN A 143 -11.29 -0.52 14.26
C ASN A 143 -11.07 -1.70 15.19
N ARG A 144 -12.13 -2.43 15.49
CA ARG A 144 -12.07 -3.51 16.46
C ARG A 144 -12.72 -4.81 15.97
N VAL A 145 -12.02 -5.91 16.19
CA VAL A 145 -12.53 -7.24 15.90
C VAL A 145 -12.60 -7.95 17.26
N ASP A 146 -13.81 -8.22 17.79
CA ASP A 146 -13.90 -8.87 19.09
C ASP A 146 -14.98 -9.91 19.20
N HIS A 147 -14.77 -10.91 20.07
CA HIS A 147 -15.75 -11.96 20.31
C HIS A 147 -16.18 -12.66 19.01
N CYS A 148 -15.23 -12.88 18.11
CA CYS A 148 -15.50 -13.56 16.85
C CYS A 148 -14.84 -14.93 16.82
N ASP A 149 -15.24 -15.78 15.87
CA ASP A 149 -14.74 -17.14 15.69
C ASP A 149 -14.28 -17.27 14.25
N PHE A 150 -12.99 -17.54 14.01
CA PHE A 150 -12.51 -17.74 12.65
C PHE A 150 -11.87 -19.12 12.66
N THR A 151 -12.51 -20.11 12.01
CA THR A 151 -11.99 -21.48 12.06
C THR A 151 -12.02 -22.29 10.74
N GLY A 152 -10.93 -23.00 10.46
CA GLY A 152 -10.84 -24.00 9.41
C GLY A 152 -10.43 -23.60 8.01
N LYS A 153 -9.61 -22.54 7.87
CA LYS A 153 -9.17 -22.05 6.57
C LYS A 153 -8.20 -23.03 5.94
N THR A 154 -8.53 -23.51 4.74
CA THR A 154 -7.69 -24.49 4.03
C THR A 154 -7.03 -23.95 2.77
N HIS A 155 -7.40 -22.74 2.35
CA HIS A 155 -6.88 -22.16 1.14
C HIS A 155 -5.91 -20.99 1.40
N GLN A 156 -5.12 -20.66 0.38
CA GLN A 156 -4.13 -19.60 0.38
C GLN A 156 -4.59 -18.30 1.03
N GLY A 157 -3.71 -17.68 1.84
CA GLY A 157 -4.02 -16.41 2.45
C GLY A 157 -4.14 -16.43 3.95
N THR A 158 -3.58 -15.41 4.59
CA THR A 158 -3.63 -15.22 6.05
C THR A 158 -5.12 -15.11 6.48
N THR A 159 -5.50 -15.69 7.63
CA THR A 159 -6.88 -15.61 8.10
C THR A 159 -7.33 -14.14 8.32
N LEU A 160 -6.59 -13.39 9.12
CA LEU A 160 -6.90 -12.02 9.45
C LEU A 160 -5.69 -11.20 9.18
N VAL A 161 -5.82 -10.12 8.38
CA VAL A 161 -4.70 -9.25 8.06
C VAL A 161 -4.96 -7.79 8.50
N VAL A 162 -3.92 -7.12 9.01
CA VAL A 162 -3.99 -5.68 9.24
C VAL A 162 -3.18 -5.08 8.08
N TRP A 163 -3.83 -4.34 7.18
CA TRP A 163 -3.10 -3.71 6.08
C TRP A 163 -2.58 -2.37 6.56
N LEU A 164 -1.27 -2.17 6.52
CA LEU A 164 -0.66 -0.94 6.97
C LEU A 164 -0.85 0.19 5.96
N ASP A 165 -0.85 1.41 6.46
CA ASP A 165 -0.94 2.63 5.66
C ASP A 165 0.06 3.67 6.29
N GLU A 166 0.07 4.93 5.80
CA GLU A 166 1.02 5.94 6.28
C GLU A 166 0.84 6.37 7.74
N LYS A 167 -0.33 6.14 8.33
CA LYS A 167 -0.58 6.50 9.72
C LYS A 167 -0.84 5.22 10.52
N PRO A 168 -0.48 5.18 11.82
CA PRO A 168 -0.77 3.97 12.62
C PRO A 168 -2.28 3.72 12.68
N ASN A 169 -2.65 2.45 12.79
CA ASN A 169 -4.07 2.10 12.80
C ASN A 169 -4.67 2.06 14.16
N HIS A 170 -3.90 1.63 15.16
CA HIS A 170 -4.44 1.47 16.52
C HIS A 170 -5.62 0.51 16.56
N HIS A 171 -5.63 -0.52 15.69
CA HIS A 171 -6.71 -1.50 15.70
C HIS A 171 -6.65 -2.39 16.96
N GLN A 172 -7.78 -2.98 17.32
CA GLN A 172 -7.84 -3.87 18.46
C GLN A 172 -8.47 -5.21 18.08
N ILE A 173 -7.73 -6.29 18.29
CA ILE A 173 -8.19 -7.63 17.98
C ILE A 173 -8.25 -8.34 19.33
N ASP A 174 -9.46 -8.50 19.90
CA ASP A 174 -9.57 -9.04 21.27
C ASP A 174 -10.68 -10.04 21.49
N HIS A 175 -10.46 -10.97 22.41
CA HIS A 175 -11.46 -11.96 22.82
C HIS A 175 -12.01 -12.81 21.69
N ASN A 176 -11.18 -13.05 20.66
CA ASN A 176 -11.62 -13.88 19.55
C ASN A 176 -11.10 -15.30 19.72
N TYR A 177 -11.80 -16.25 19.13
CA TYR A 177 -11.36 -17.64 19.04
C TYR A 177 -10.93 -17.90 17.59
N PHE A 178 -9.65 -18.17 17.37
CA PHE A 178 -9.13 -18.58 16.07
C PHE A 178 -8.96 -20.11 16.22
N GLY A 179 -9.88 -20.87 15.67
CA GLY A 179 -9.85 -22.32 15.78
C GLY A 179 -8.95 -23.03 14.81
N PRO A 180 -9.02 -24.37 14.83
CA PRO A 180 -8.12 -25.17 14.01
C PRO A 180 -7.93 -24.71 12.57
N ARG A 181 -6.69 -24.51 12.18
CA ARG A 181 -6.36 -24.11 10.81
C ARG A 181 -5.36 -25.16 10.35
N PRO A 182 -5.74 -25.97 9.35
CA PRO A 182 -4.80 -27.01 8.89
C PRO A 182 -3.60 -26.46 8.16
N ALA A 183 -2.52 -27.25 8.11
CA ALA A 183 -1.27 -26.94 7.42
C ALA A 183 -1.55 -26.61 5.96
N LEU A 184 -1.15 -25.42 5.51
CA LEU A 184 -1.38 -25.00 4.14
C LEU A 184 -0.39 -25.65 3.17
N GLY A 185 0.83 -25.89 3.60
CA GLY A 185 1.84 -26.51 2.76
C GLY A 185 2.76 -25.52 2.05
N VAL A 186 2.36 -24.25 2.05
CA VAL A 186 3.12 -23.14 1.47
C VAL A 186 2.99 -21.93 2.40
N ASN A 187 3.78 -20.88 2.16
CA ASN A 187 3.70 -19.66 2.95
C ASN A 187 2.39 -18.91 2.66
N GLY A 188 1.93 -18.13 3.64
CA GLY A 188 0.66 -17.43 3.54
C GLY A 188 -0.46 -18.15 4.27
N GLY A 189 -0.12 -18.84 5.35
CA GLY A 189 -1.08 -19.56 6.16
C GLY A 189 -1.11 -19.05 7.58
N GLU A 190 -0.73 -17.79 7.80
CA GLU A 190 -0.73 -17.19 9.13
C GLU A 190 -2.15 -17.00 9.62
N THR A 191 -2.32 -16.92 10.94
CA THR A 191 -3.61 -16.60 11.50
C THR A 191 -3.76 -15.07 11.49
N ILE A 192 -2.73 -14.36 11.94
CA ILE A 192 -2.75 -12.89 11.95
C ILE A 192 -1.45 -12.38 11.36
N ARG A 193 -1.52 -11.48 10.37
CA ARG A 193 -0.33 -10.83 9.79
C ARG A 193 -0.58 -9.35 9.94
N ILE A 194 0.36 -8.63 10.59
CA ILE A 194 0.24 -7.19 10.81
C ILE A 194 1.30 -6.49 10.01
N GLY A 195 0.94 -6.10 8.80
CA GLY A 195 1.88 -5.43 7.91
C GLY A 195 2.51 -6.40 6.92
N THR A 196 3.36 -5.82 6.07
CA THR A 196 4.13 -6.52 5.04
C THR A 196 5.54 -5.87 5.06
N SER A 197 6.52 -6.49 4.40
CA SER A 197 7.88 -5.96 4.36
CA SER A 197 7.89 -5.96 4.35
C SER A 197 7.95 -4.50 3.89
N THR A 198 7.17 -4.14 2.85
CA THR A 198 7.14 -2.77 2.34
C THR A 198 6.77 -1.74 3.41
N TRP A 199 5.81 -2.10 4.29
CA TRP A 199 5.35 -1.23 5.37
C TRP A 199 5.97 -1.55 6.75
N SER A 200 7.02 -2.39 6.80
CA SER A 200 7.59 -2.84 8.05
C SER A 200 8.24 -1.78 8.89
N MET A 201 8.76 -0.71 8.28
CA MET A 201 9.33 0.39 9.06
C MET A 201 8.27 1.42 9.53
N HIS A 202 7.00 1.21 9.20
CA HIS A 202 5.93 2.11 9.65
C HIS A 202 5.35 1.65 11.00
N ASP A 203 4.81 2.60 11.78
CA ASP A 203 4.17 2.28 13.05
C ASP A 203 2.76 1.81 12.78
N SER A 204 2.33 0.76 13.48
CA SER A 204 1.01 0.21 13.31
C SER A 204 0.19 0.40 14.57
N TYR A 205 0.81 0.08 15.73
CA TYR A 205 0.15 0.18 17.03
C TYR A 205 -1.06 -0.70 17.16
N THR A 206 -1.00 -1.93 16.63
CA THR A 206 -2.14 -2.86 16.72
C THR A 206 -2.10 -3.60 18.03
N LEU A 207 -3.24 -3.80 18.69
CA LEU A 207 -3.28 -4.54 19.92
C LEU A 207 -3.97 -5.87 19.66
N VAL A 208 -3.28 -6.99 19.99
CA VAL A 208 -3.81 -8.36 19.85
C VAL A 208 -3.86 -8.88 21.28
N GLU A 209 -5.05 -8.96 21.88
CA GLU A 209 -5.18 -9.27 23.28
C GLU A 209 -6.27 -10.27 23.66
N ASN A 210 -5.99 -11.18 24.59
CA ASN A 210 -6.98 -12.10 25.11
C ASN A 210 -7.67 -12.96 24.05
N ASN A 211 -6.95 -13.35 23.01
CA ASN A 211 -7.50 -14.21 21.99
C ASN A 211 -7.03 -15.64 22.26
N ILE A 212 -7.73 -16.61 21.70
CA ILE A 212 -7.32 -18.00 21.76
C ILE A 212 -6.97 -18.37 20.33
N PHE A 213 -5.81 -18.99 20.12
CA PHE A 213 -5.36 -19.53 18.85
C PHE A 213 -5.27 -21.01 19.17
N ASP A 214 -6.23 -21.80 18.69
CA ASP A 214 -6.32 -23.24 19.03
C ASP A 214 -6.01 -24.09 17.81
N LYS A 215 -4.84 -24.74 17.78
CA LYS A 215 -4.42 -25.61 16.69
C LYS A 215 -4.29 -24.85 15.36
N CYS A 216 -3.74 -23.63 15.45
CA CYS A 216 -3.50 -22.81 14.27
C CYS A 216 -2.20 -23.30 13.72
N ASP A 217 -2.29 -24.19 12.71
CA ASP A 217 -1.15 -24.88 12.12
C ASP A 217 -0.91 -24.54 10.64
N GLY A 218 -1.46 -23.42 10.17
CA GLY A 218 -1.37 -23.01 8.77
C GLY A 218 0.04 -22.92 8.22
N GLU A 219 0.96 -22.46 9.05
CA GLU A 219 2.36 -22.35 8.65
C GLU A 219 3.25 -22.03 9.86
N MET A 220 4.54 -21.76 9.61
CA MET A 220 5.59 -21.42 10.53
C MET A 220 5.18 -20.28 11.44
N GLU A 221 4.53 -19.26 10.89
CA GLU A 221 4.10 -18.13 11.70
C GLU A 221 2.61 -18.19 12.01
N ILE A 222 2.24 -18.20 13.29
CA ILE A 222 0.86 -18.12 13.70
C ILE A 222 0.51 -16.62 13.63
N ILE A 223 1.36 -15.75 14.23
CA ILE A 223 1.28 -14.32 14.18
C ILE A 223 2.57 -13.87 13.54
N SER A 224 2.46 -13.11 12.44
CA SER A 224 3.62 -12.55 11.79
C SER A 224 3.55 -11.02 11.92
N LEU A 225 4.43 -10.45 12.73
CA LEU A 225 4.52 -9.01 12.89
C LEU A 225 5.46 -8.47 11.83
N LYS A 226 5.01 -7.50 11.05
CA LYS A 226 5.78 -6.93 9.92
C LYS A 226 5.52 -5.42 9.83
N SER A 227 5.60 -4.75 10.98
CA SER A 227 5.41 -3.32 11.21
C SER A 227 5.82 -3.04 12.69
N GLY A 228 5.81 -1.77 13.13
CA GLY A 228 6.27 -1.44 14.48
C GLY A 228 5.22 -1.08 15.50
N HIS A 229 5.64 -1.03 16.77
CA HIS A 229 4.82 -0.62 17.93
C HIS A 229 3.53 -1.42 18.11
N ASN A 230 3.57 -2.71 17.80
CA ASN A 230 2.43 -3.61 17.98
C ASN A 230 2.57 -4.31 19.33
N THR A 231 1.44 -4.69 19.95
CA THR A 231 1.48 -5.42 21.21
C THR A 231 0.66 -6.68 21.12
N VAL A 232 1.28 -7.84 21.37
CA VAL A 232 0.62 -9.15 21.44
C VAL A 232 0.63 -9.50 22.93
N ASN A 233 -0.51 -9.27 23.62
CA ASN A 233 -0.61 -9.41 25.06
C ASN A 233 -1.68 -10.34 25.59
N ASN A 234 -1.30 -11.20 26.52
CA ASN A 234 -2.26 -12.04 27.22
C ASN A 234 -3.16 -12.92 26.33
N ASN A 235 -2.60 -13.58 25.32
CA ASN A 235 -3.31 -14.51 24.44
C ASN A 235 -2.91 -15.95 24.79
N LEU A 236 -3.68 -16.95 24.34
CA LEU A 236 -3.35 -18.36 24.50
C LEU A 236 -3.12 -18.91 23.10
N PHE A 237 -2.01 -19.64 22.90
CA PHE A 237 -1.63 -20.35 21.69
C PHE A 237 -1.55 -21.82 22.13
N TYR A 238 -2.66 -22.54 21.98
CA TYR A 238 -2.77 -23.92 22.43
C TYR A 238 -2.60 -24.93 21.31
N GLU A 239 -1.59 -25.79 21.44
CA GLU A 239 -1.25 -26.82 20.47
C GLU A 239 -1.12 -26.28 19.03
N CYS A 240 -0.43 -25.14 18.88
CA CYS A 240 -0.22 -24.48 17.60
C CYS A 240 1.08 -24.91 16.97
N ASP A 241 0.98 -25.46 15.76
CA ASP A 241 2.14 -25.89 15.01
C ASP A 241 2.64 -24.63 14.30
N GLY A 242 3.46 -23.88 15.02
CA GLY A 242 4.01 -22.61 14.55
C GLY A 242 4.62 -21.82 15.69
N THR A 243 4.93 -20.54 15.41
CA THR A 243 5.59 -19.63 16.34
C THR A 243 4.91 -18.23 16.31
N VAL A 244 5.24 -17.37 17.27
CA VAL A 244 4.83 -15.99 17.27
C VAL A 244 6.08 -15.30 16.79
N THR A 245 6.08 -14.83 15.54
CA THR A 245 7.27 -14.24 14.95
C THR A 245 7.29 -12.69 14.82
N PHE A 246 8.35 -12.07 15.37
CA PHE A 246 8.65 -10.65 15.20
C PHE A 246 9.36 -10.73 13.82
N ARG A 247 8.61 -10.70 12.69
CA ARG A 247 9.24 -10.94 11.37
C ARG A 247 9.96 -9.74 10.80
N HIS A 248 9.26 -8.60 10.70
CA HIS A 248 9.88 -7.36 10.25
C HIS A 248 9.39 -6.24 11.16
N GLY A 249 10.19 -5.18 11.31
CA GLY A 249 9.81 -4.05 12.14
C GLY A 249 10.46 -4.05 13.50
N ASN A 250 10.29 -2.94 14.21
CA ASN A 250 10.94 -2.68 15.48
C ASN A 250 9.95 -2.25 16.56
N TYR A 251 10.39 -2.23 17.85
CA TYR A 251 9.57 -1.80 18.97
C TYR A 251 8.26 -2.58 19.16
N ASN A 252 8.28 -3.89 18.87
CA ASN A 252 7.10 -4.73 19.12
C ASN A 252 7.18 -5.34 20.51
N THR A 253 6.04 -5.70 21.08
CA THR A 253 5.99 -6.32 22.39
C THR A 253 5.18 -7.62 22.33
N VAL A 254 5.75 -8.70 22.88
CA VAL A 254 5.06 -9.98 22.99
C VAL A 254 5.12 -10.31 24.47
N SER A 255 4.02 -10.08 25.16
CA SER A 255 3.98 -10.19 26.59
C SER A 255 2.78 -10.91 27.19
N ASN A 256 3.03 -11.61 28.31
CA ASN A 256 1.99 -12.26 29.13
C ASN A 256 1.18 -13.34 28.42
N ASN A 257 1.69 -13.88 27.31
CA ASN A 257 0.99 -14.91 26.56
C ASN A 257 1.28 -16.32 27.07
N TYR A 258 0.36 -17.23 26.85
CA TYR A 258 0.53 -18.63 27.24
C TYR A 258 0.64 -19.37 25.94
N ILE A 259 1.84 -19.87 25.63
CA ILE A 259 2.07 -20.69 24.47
C ILE A 259 2.19 -22.10 25.01
N LEU A 260 1.06 -22.80 25.03
CA LEU A 260 1.01 -24.14 25.60
C LEU A 260 0.99 -25.19 24.49
N GLY A 261 2.14 -25.79 24.22
CA GLY A 261 2.27 -26.78 23.17
C GLY A 261 1.66 -28.11 23.51
N ASN A 262 1.57 -28.45 24.82
CA ASN A 262 1.04 -29.73 25.29
C ASN A 262 1.80 -30.94 24.72
N GLY A 263 3.09 -30.75 24.39
CA GLY A 263 3.94 -31.79 23.83
C GLY A 263 3.77 -32.02 22.35
N LYS A 264 2.86 -31.28 21.70
CA LYS A 264 2.54 -31.48 20.29
C LYS A 264 3.73 -31.20 19.37
N LYS A 265 3.93 -32.13 18.42
CA LYS A 265 4.99 -32.07 17.43
C LYS A 265 5.14 -30.69 16.75
N ASN A 266 6.36 -30.16 16.78
CA ASN A 266 6.80 -28.91 16.20
C ASN A 266 6.11 -27.66 16.72
N THR A 267 5.57 -27.67 17.95
CA THR A 267 5.00 -26.46 18.55
C THR A 267 6.22 -25.56 18.89
N GLY A 268 6.21 -24.32 18.42
CA GLY A 268 7.31 -23.39 18.66
C GLY A 268 6.94 -22.23 19.56
N GLY A 269 7.93 -21.41 19.89
CA GLY A 269 7.68 -20.30 20.81
C GLY A 269 7.67 -18.94 20.16
N ILE A 270 8.46 -18.02 20.71
CA ILE A 270 8.58 -16.65 20.23
C ILE A 270 9.90 -16.44 19.47
N ARG A 271 9.82 -16.15 18.17
CA ARG A 271 11.00 -15.90 17.36
C ARG A 271 11.21 -14.38 17.18
N ILE A 272 12.40 -13.92 17.53
CA ILE A 272 12.82 -12.52 17.54
C ILE A 272 13.74 -12.15 16.39
N ILE A 273 13.31 -11.15 15.59
CA ILE A 273 14.07 -10.56 14.52
C ILE A 273 13.90 -9.03 14.66
N GLY A 274 14.95 -8.25 14.42
CA GLY A 274 14.82 -6.80 14.48
C GLY A 274 15.13 -6.16 15.81
N GLU A 275 14.84 -4.85 15.90
CA GLU A 275 15.27 -4.00 16.99
C GLU A 275 14.26 -3.61 18.06
N ASN A 276 14.80 -3.34 19.26
CA ASN A 276 14.06 -2.83 20.41
C ASN A 276 12.75 -3.59 20.73
N HIS A 277 12.79 -4.92 20.66
CA HIS A 277 11.64 -5.74 20.98
C HIS A 277 11.64 -6.16 22.43
N LYS A 278 10.44 -6.24 23.04
CA LYS A 278 10.25 -6.67 24.43
C LYS A 278 9.47 -7.99 24.46
N VAL A 279 10.03 -8.99 25.13
CA VAL A 279 9.42 -10.30 25.31
C VAL A 279 9.40 -10.52 26.83
N PHE A 280 8.22 -10.37 27.46
CA PHE A 280 8.17 -10.49 28.91
C PHE A 280 6.91 -11.13 29.44
N GLY A 281 7.05 -11.82 30.57
CA GLY A 281 5.93 -12.43 31.26
C GLY A 281 5.23 -13.59 30.55
N ASN A 282 5.83 -14.13 29.46
CA ASN A 282 5.19 -15.25 28.74
C ASN A 282 5.41 -16.61 29.43
N TYR A 283 4.43 -17.52 29.30
CA TYR A 283 4.50 -18.89 29.80
C TYR A 283 4.66 -19.75 28.54
N LEU A 284 5.87 -20.26 28.30
CA LEU A 284 6.26 -20.99 27.10
C LEU A 284 6.52 -22.45 27.48
N GLN A 285 5.43 -23.25 27.50
CA GLN A 285 5.53 -24.60 28.02
C GLN A 285 5.01 -25.71 27.08
N GLY A 286 5.61 -26.90 27.20
CA GLY A 286 5.24 -28.09 26.42
C GLY A 286 5.59 -27.98 24.95
N LEU A 287 6.62 -27.23 24.64
CA LEU A 287 7.03 -26.96 23.29
C LEU A 287 7.96 -28.00 22.75
N ASP A 288 7.69 -28.46 21.54
CA ASP A 288 8.49 -29.49 20.90
C ASP A 288 9.53 -28.94 19.87
N GLY A 289 9.53 -27.64 19.64
CA GLY A 289 10.42 -27.03 18.66
C GLY A 289 11.84 -26.74 19.08
N SER A 290 12.73 -26.64 18.11
CA SER A 290 14.14 -26.33 18.31
C SER A 290 14.62 -25.38 17.20
N GLY A 291 15.76 -24.71 17.42
CA GLY A 291 16.30 -23.75 16.47
C GLY A 291 15.35 -22.56 16.32
N LEU A 292 14.82 -22.38 15.11
CA LEU A 292 13.86 -21.32 14.83
C LEU A 292 12.54 -21.49 15.61
N ARG A 293 12.27 -22.71 16.11
CA ARG A 293 11.07 -23.03 16.88
C ARG A 293 11.34 -23.18 18.37
N ALA A 294 12.52 -22.75 18.88
CA ALA A 294 12.81 -22.80 20.34
C ALA A 294 11.81 -21.92 21.07
N ALA A 295 11.63 -22.13 22.40
CA ALA A 295 10.68 -21.31 23.18
C ALA A 295 10.98 -19.81 23.04
N ILE A 296 12.26 -19.45 23.01
CA ILE A 296 12.71 -18.08 22.73
C ILE A 296 13.80 -18.23 21.71
N SER A 297 13.55 -17.81 20.47
CA SER A 297 14.51 -17.93 19.39
C SER A 297 14.99 -16.53 18.98
N ILE A 298 16.30 -16.24 19.05
CA ILE A 298 16.82 -14.91 18.75
C ILE A 298 17.67 -15.04 17.51
N MET A 299 17.11 -14.75 16.35
CA MET A 299 17.74 -14.98 15.06
C MET A 299 19.04 -14.25 14.76
N SER A 300 19.83 -14.89 13.90
CA SER A 300 20.98 -14.32 13.23
C SER A 300 20.39 -13.51 12.05
N ALA A 301 21.19 -12.60 11.45
CA ALA A 301 20.68 -11.77 10.38
C ALA A 301 21.73 -11.38 9.29
N LEU A 302 21.29 -10.78 8.16
CA LEU A 302 22.17 -10.31 7.08
C LEU A 302 22.81 -8.98 7.51
N GLU A 303 23.92 -8.60 6.86
CA GLU A 303 24.63 -7.36 7.13
C GLU A 303 23.95 -6.12 6.54
N LYS A 304 23.52 -6.19 5.27
CA LYS A 304 22.87 -5.05 4.63
C LYS A 304 21.54 -5.56 4.05
N PRO A 305 20.54 -5.83 4.91
CA PRO A 305 19.31 -6.45 4.40
C PRO A 305 18.36 -5.51 3.70
N GLN A 306 17.62 -6.08 2.76
CA GLN A 306 16.49 -5.42 2.11
C GLN A 306 15.32 -5.65 3.12
N LEU A 307 14.22 -4.85 3.05
CA LEU A 307 13.11 -4.94 4.01
C LEU A 307 12.49 -6.35 4.16
N HIS A 308 12.54 -7.15 3.11
CA HIS A 308 11.95 -8.50 3.16
C HIS A 308 12.88 -9.59 3.66
N GLU A 309 14.10 -9.24 4.08
CA GLU A 309 15.09 -10.22 4.51
C GLU A 309 15.12 -10.36 6.06
N TYR A 310 16.29 -10.30 6.72
CA TYR A 310 16.37 -10.48 8.17
C TYR A 310 17.22 -9.37 8.77
N PHE A 311 16.66 -8.58 9.69
CA PHE A 311 17.36 -7.45 10.31
C PHE A 311 17.94 -7.87 11.65
N GLN A 312 19.17 -7.43 11.93
CA GLN A 312 19.90 -7.81 13.14
C GLN A 312 19.13 -7.53 14.40
N VAL A 313 19.10 -8.50 15.32
CA VAL A 313 18.43 -8.34 16.60
C VAL A 313 19.27 -7.42 17.44
N ILE A 314 18.74 -6.23 17.73
CA ILE A 314 19.42 -5.22 18.52
C ILE A 314 18.54 -4.90 19.73
N ASN A 315 19.15 -4.82 20.91
CA ASN A 315 18.47 -4.48 22.15
C ASN A 315 17.17 -5.29 22.44
N PRO A 316 17.19 -6.65 22.34
CA PRO A 316 16.00 -7.39 22.77
C PRO A 316 15.94 -7.35 24.30
N GLN A 317 14.75 -7.15 24.88
CA GLN A 317 14.58 -7.12 26.32
C GLN A 317 13.69 -8.28 26.73
N ILE A 318 14.34 -9.41 27.08
CA ILE A 318 13.70 -10.70 27.38
C ILE A 318 13.73 -10.97 28.88
N VAL A 319 12.59 -10.72 29.56
CA VAL A 319 12.48 -10.76 31.02
C VAL A 319 11.25 -11.51 31.56
N GLY A 320 11.43 -12.27 32.64
CA GLY A 320 10.30 -12.88 33.34
C GLY A 320 9.49 -13.92 32.60
N ASN A 321 10.10 -14.61 31.65
CA ASN A 321 9.41 -15.65 30.89
C ASN A 321 9.63 -16.99 31.56
N ILE A 322 8.56 -17.78 31.70
CA ILE A 322 8.68 -19.11 32.30
C ILE A 322 8.60 -20.17 31.24
N ILE A 323 9.73 -20.80 30.99
CA ILE A 323 9.88 -21.86 30.02
C ILE A 323 9.90 -23.18 30.80
N ALA A 324 9.06 -24.15 30.39
CA ALA A 324 8.99 -25.44 31.06
C ALA A 324 8.60 -26.57 30.11
N ASP A 325 9.01 -27.80 30.45
CA ASP A 325 8.62 -29.02 29.73
C ASP A 325 8.78 -28.92 28.22
N SER A 326 9.88 -28.31 27.78
CA SER A 326 10.10 -28.10 26.38
C SER A 326 11.36 -28.79 25.87
N LYS A 327 11.48 -28.92 24.56
CA LYS A 327 12.65 -29.52 23.95
C LYS A 327 13.84 -28.56 24.00
N GLU A 328 13.58 -27.25 23.78
CA GLU A 328 14.65 -26.25 23.73
C GLU A 328 14.16 -24.90 24.26
N GLY A 329 14.90 -24.36 25.22
CA GLY A 329 14.55 -23.10 25.84
C GLY A 329 14.90 -21.91 24.97
N ILE A 330 16.12 -21.39 25.11
CA ILE A 330 16.56 -20.26 24.31
C ILE A 330 17.56 -20.69 23.26
N ASP A 331 17.45 -20.13 22.06
CA ASP A 331 18.44 -20.35 21.01
C ASP A 331 18.96 -18.96 20.57
N ILE A 332 20.22 -18.66 20.88
CA ILE A 332 20.82 -17.37 20.52
C ILE A 332 21.57 -17.54 19.23
N GLY A 333 21.15 -16.80 18.21
CA GLY A 333 21.76 -16.85 16.89
C GLY A 333 21.13 -17.85 15.95
N ALA A 334 19.92 -18.36 16.29
CA ALA A 334 19.17 -19.33 15.49
C ALA A 334 19.03 -18.89 14.03
N GLY A 335 19.19 -19.83 13.12
CA GLY A 335 19.11 -19.53 11.70
C GLY A 335 20.42 -19.11 11.06
N LYS A 336 21.53 -19.12 11.83
CA LYS A 336 22.84 -18.74 11.31
C LYS A 336 23.25 -19.61 10.12
N ASN A 337 23.83 -18.96 9.09
CA ASN A 337 24.35 -19.58 7.86
C ASN A 337 25.37 -18.61 7.17
N GLU A 338 25.72 -18.82 5.88
CA GLU A 338 26.69 -17.97 5.19
C GLU A 338 26.17 -16.55 5.04
N LYS A 339 24.90 -16.40 4.66
CA LYS A 339 24.30 -15.08 4.50
C LYS A 339 23.96 -14.46 5.87
N ARG A 340 23.25 -15.20 6.72
CA ARG A 340 22.88 -14.71 8.04
C ARG A 340 23.97 -14.98 9.04
N MET A 341 24.99 -14.10 9.08
CA MET A 341 26.14 -14.19 9.99
C MET A 341 26.06 -13.22 11.17
N LEU A 342 25.26 -12.14 11.07
CA LEU A 342 25.15 -11.15 12.15
C LEU A 342 24.46 -11.69 13.38
N PRO A 343 25.15 -11.64 14.52
CA PRO A 343 24.54 -12.15 15.76
C PRO A 343 23.72 -11.10 16.49
N PRO A 344 22.84 -11.54 17.41
CA PRO A 344 22.09 -10.56 18.23
C PRO A 344 23.06 -9.66 19.03
N LYS A 345 22.67 -8.41 19.31
CA LYS A 345 23.53 -7.51 20.06
C LYS A 345 22.74 -6.62 21.01
N ASP A 346 23.38 -6.18 22.11
CA ASP A 346 22.78 -5.32 23.12
CA ASP A 346 22.79 -5.33 23.14
C ASP A 346 21.57 -5.99 23.82
N GLY A 347 20.85 -5.26 24.66
CA GLY A 347 19.69 -5.79 25.36
C GLY A 347 20.04 -6.72 26.51
N PHE A 348 19.03 -7.42 27.03
CA PHE A 348 19.26 -8.35 28.13
C PHE A 348 18.36 -9.58 28.08
N LEU A 349 18.86 -10.70 28.62
CA LEU A 349 18.14 -11.96 28.77
C LEU A 349 18.25 -12.23 30.25
N LYS A 350 17.29 -11.73 31.03
CA LYS A 350 17.37 -11.83 32.47
C LYS A 350 16.07 -12.13 33.16
N ASN A 351 16.16 -12.70 34.38
CA ASN A 351 15.04 -13.08 35.23
C ASN A 351 14.05 -14.04 34.57
N ASN A 352 14.56 -14.94 33.73
CA ASN A 352 13.74 -15.95 33.09
C ASN A 352 13.87 -17.28 33.89
N TYR A 353 12.98 -18.25 33.66
CA TYR A 353 13.04 -19.52 34.34
C TYR A 353 12.96 -20.63 33.31
N VAL A 354 13.94 -21.55 33.27
CA VAL A 354 13.93 -22.66 32.32
C VAL A 354 14.00 -24.02 33.04
N ILE A 355 12.85 -24.71 33.16
CA ILE A 355 12.82 -26.00 33.84
C ILE A 355 12.36 -27.16 32.93
N ASN A 356 12.81 -28.40 33.24
CA ASN A 356 12.47 -29.63 32.53
C ASN A 356 12.59 -29.50 31.02
N THR A 357 13.69 -28.89 30.56
CA THR A 357 13.95 -28.61 29.17
C THR A 357 15.23 -29.31 28.68
N ARG A 358 15.11 -30.18 27.67
CA ARG A 358 16.23 -30.96 27.14
C ARG A 358 17.50 -30.12 26.87
N THR A 359 17.34 -28.97 26.19
CA THR A 359 18.46 -28.07 25.94
C THR A 359 18.02 -26.71 26.47
N VAL A 360 18.55 -26.29 27.63
CA VAL A 360 18.18 -25.01 28.24
C VAL A 360 18.53 -23.84 27.36
N ILE A 361 19.79 -23.75 26.92
CA ILE A 361 20.21 -22.66 26.07
C ILE A 361 21.25 -23.14 25.09
N LYS A 362 20.98 -22.86 23.81
CA LYS A 362 21.82 -23.18 22.67
C LYS A 362 22.36 -21.85 22.08
N THR A 363 23.62 -21.82 21.64
CA THR A 363 24.18 -20.62 21.04
C THR A 363 24.75 -20.95 19.67
N GLU A 364 24.04 -20.59 18.60
CA GLU A 364 24.48 -20.82 17.23
C GLU A 364 25.35 -19.67 16.71
N ASN A 365 25.34 -18.50 17.39
CA ASN A 365 26.08 -17.31 17.00
C ASN A 365 26.25 -16.51 18.28
N GLU A 366 27.49 -16.39 18.77
CA GLU A 366 27.75 -15.66 20.01
C GLU A 366 27.33 -14.20 19.88
N PRO A 367 26.46 -13.73 20.79
CA PRO A 367 26.00 -12.35 20.73
C PRO A 367 27.05 -11.33 21.18
N GLU A 368 26.76 -10.02 21.01
CA GLU A 368 27.65 -8.96 21.43
C GLU A 368 26.95 -8.05 22.41
N GLY A 369 27.42 -7.97 23.64
CA GLY A 369 26.85 -7.07 24.63
C GLY A 369 25.47 -7.44 25.14
N LEU A 370 25.07 -8.69 24.96
CA LEU A 370 23.77 -9.16 25.43
C LEU A 370 23.98 -9.62 26.86
N LEU A 371 23.42 -8.88 27.83
CA LEU A 371 23.55 -9.20 29.24
C LEU A 371 22.68 -10.40 29.64
N ILE A 372 23.31 -11.51 30.02
CA ILE A 372 22.59 -12.70 30.47
C ILE A 372 22.82 -12.85 31.98
N GLU A 373 21.76 -12.66 32.79
CA GLU A 373 21.91 -12.77 34.25
C GLU A 373 20.62 -13.12 34.98
N ASN A 374 20.74 -13.72 36.16
CA ASN A 374 19.63 -14.07 37.06
C ASN A 374 18.52 -14.93 36.41
N ASN A 375 18.90 -15.87 35.53
CA ASN A 375 17.96 -16.78 34.91
C ASN A 375 17.97 -18.11 35.69
N GLN A 376 16.87 -18.46 36.36
CA GLN A 376 16.82 -19.69 37.15
C GLN A 376 16.56 -20.96 36.30
N THR A 377 17.35 -22.01 36.51
CA THR A 377 17.17 -23.26 35.77
C THR A 377 17.42 -24.48 36.67
N ASP A 378 16.86 -25.64 36.29
CA ASP A 378 17.10 -26.87 37.03
C ASP A 378 18.13 -27.77 36.33
N ALA A 379 18.86 -27.24 35.33
CA ALA A 379 19.89 -27.94 34.60
C ALA A 379 21.05 -28.28 35.53
N SER A 380 21.62 -29.49 35.39
CA SER A 380 22.72 -29.93 36.23
C SER A 380 23.95 -29.06 35.97
N SER A 381 24.23 -28.75 34.70
CA SER A 381 25.36 -27.90 34.35
C SER A 381 24.83 -26.52 34.05
N LEU A 382 24.92 -25.61 35.03
CA LEU A 382 24.42 -24.25 34.95
C LEU A 382 25.11 -23.47 33.85
N PRO A 383 24.33 -22.99 32.87
CA PRO A 383 24.95 -22.22 31.77
C PRO A 383 25.39 -20.83 32.21
N LYS A 384 26.27 -20.19 31.42
CA LYS A 384 26.73 -18.83 31.69
C LYS A 384 25.55 -17.85 31.78
N GLY A 385 25.37 -17.25 32.95
CA GLY A 385 24.27 -16.32 33.20
C GLY A 385 23.04 -16.94 33.82
N PHE A 386 23.14 -18.21 34.24
CA PHE A 386 22.02 -18.90 34.87
C PHE A 386 22.34 -19.27 36.31
N THR A 387 21.31 -19.29 37.15
CA THR A 387 21.39 -19.62 38.58
C THR A 387 20.48 -20.85 38.89
N LYS A 388 20.44 -21.32 40.16
CA LYS A 388 19.60 -22.47 40.51
C LYS A 388 18.24 -22.04 41.00
N VAL A 389 17.19 -22.79 40.60
CA VAL A 389 15.79 -22.53 40.96
C VAL A 389 15.57 -22.56 42.48
N GLY A 390 15.14 -21.43 43.00
CA GLY A 390 14.85 -21.25 44.42
C GLY A 390 13.62 -20.40 44.65
N SER A 391 13.28 -19.52 43.69
CA SER A 391 12.09 -18.68 43.78
C SER A 391 10.91 -19.54 43.38
N ASP A 392 10.17 -20.06 44.37
CA ASP A 392 9.02 -20.95 44.22
C ASP A 392 8.27 -20.88 42.86
N LEU A 393 8.36 -21.97 42.09
CA LEU A 393 7.66 -22.13 40.81
C LEU A 393 6.56 -23.16 41.06
N VAL A 394 5.33 -22.69 41.29
CA VAL A 394 4.13 -23.49 41.52
C VAL A 394 3.49 -23.92 40.17
N LYS A 395 2.43 -24.76 40.19
CA LYS A 395 1.79 -25.20 38.94
C LYS A 395 0.28 -25.26 39.07
N SER A 396 -0.39 -24.13 38.80
CA SER A 396 -1.85 -24.05 38.85
C SER A 396 -2.42 -24.02 37.42
N ASP A 397 -3.30 -24.99 37.11
CA ASP A 397 -3.97 -25.16 35.82
C ASP A 397 -3.04 -25.65 34.74
N GLY A 398 -2.14 -26.56 35.12
CA GLY A 398 -1.15 -27.11 34.21
C GLY A 398 -0.11 -26.11 33.73
N ILE A 399 -0.09 -24.91 34.32
CA ILE A 399 0.86 -23.88 33.93
C ILE A 399 1.82 -23.57 35.08
N TRP A 400 3.11 -23.80 34.85
CA TRP A 400 4.16 -23.49 35.82
C TRP A 400 4.22 -21.97 35.97
N GLN A 401 3.76 -21.46 37.11
CA GLN A 401 3.73 -20.03 37.43
C GLN A 401 4.60 -19.73 38.67
N LYS A 402 4.89 -18.44 38.95
CA LYS A 402 5.60 -18.06 40.18
C LYS A 402 4.54 -18.06 41.28
N LYS A 403 4.79 -18.74 42.41
CA LYS A 403 3.83 -18.87 43.51
C LYS A 403 3.06 -17.59 43.90
N ASN A 404 3.73 -16.43 44.02
CA ASN A 404 3.03 -15.20 44.40
C ASN A 404 2.37 -14.44 43.22
N ASP A 405 2.66 -14.85 41.98
CA ASP A 405 2.08 -14.28 40.75
C ASP A 405 0.99 -15.20 40.15
N VAL A 406 0.52 -16.22 40.90
CA VAL A 406 -0.47 -17.15 40.40
C VAL A 406 -1.78 -16.43 40.11
N LYS A 407 -2.30 -16.64 38.91
CA LYS A 407 -3.55 -16.02 38.49
C LYS A 407 -4.36 -17.02 37.66
N THR A 408 -5.67 -16.82 37.60
CA THR A 408 -6.56 -17.67 36.81
C THR A 408 -6.36 -17.23 35.37
N PRO A 409 -5.94 -18.12 34.48
CA PRO A 409 -5.77 -17.74 33.06
C PRO A 409 -7.03 -17.14 32.45
N PHE A 410 -6.89 -16.06 31.69
CA PHE A 410 -8.00 -15.32 31.11
C PHE A 410 -9.09 -16.19 30.44
N TRP A 411 -8.71 -17.29 29.76
CA TRP A 411 -9.70 -18.12 29.06
C TRP A 411 -10.61 -18.95 29.99
N LYS A 412 -10.20 -19.13 31.24
CA LYS A 412 -11.03 -19.87 32.19
C LYS A 412 -12.13 -19.00 32.81
N LYS A 413 -12.02 -17.66 32.72
CA LYS A 413 -12.99 -16.76 33.35
C LYS A 413 -13.50 -15.64 32.46
N GLU A 414 -13.29 -15.77 31.14
CA GLU A 414 -13.77 -14.80 30.17
C GLU A 414 -14.40 -15.53 29.02
N LYS A 415 -15.42 -14.92 28.46
CA LYS A 415 -16.10 -15.45 27.30
C LYS A 415 -15.27 -15.11 26.06
N ILE A 416 -14.64 -16.10 25.43
CA ILE A 416 -13.86 -15.90 24.20
C ILE A 416 -14.70 -16.40 23.01
N GLY A 417 -14.70 -15.67 21.89
CA GLY A 417 -15.57 -16.01 20.77
C GLY A 417 -16.96 -15.41 20.92
N PRO A 418 -17.90 -15.67 20.00
CA PRO A 418 -19.24 -15.04 20.10
C PRO A 418 -20.00 -15.32 21.40
N GLU A 419 -20.72 -14.30 21.91
CA GLU A 419 -21.48 -14.43 23.16
C GLU A 419 -22.56 -15.51 23.06
N TRP A 420 -23.13 -15.73 21.87
CA TRP A 420 -24.17 -16.74 21.65
C TRP A 420 -23.63 -18.17 21.53
N ASN A 421 -22.30 -18.36 21.44
CA ASN A 421 -21.65 -19.65 21.20
C ASN A 421 -20.94 -20.23 22.43
N ASN A 422 -20.88 -21.57 22.52
CA ASN A 422 -20.22 -22.26 23.63
C ASN A 422 -19.64 -23.60 23.15
N GLY B 16 -22.76 -9.96 -27.66
CA GLY B 16 -23.44 -10.00 -26.37
C GLY B 16 -24.74 -9.23 -26.38
N ASN B 17 -25.28 -8.94 -25.20
CA ASN B 17 -26.53 -8.21 -25.09
C ASN B 17 -26.32 -6.72 -24.88
N ILE B 18 -27.26 -5.90 -25.38
CA ILE B 18 -27.19 -4.46 -25.20
C ILE B 18 -28.20 -4.08 -24.15
N TYR B 19 -27.74 -3.71 -22.97
CA TYR B 19 -28.62 -3.30 -21.88
C TYR B 19 -28.71 -1.79 -21.84
N ASN B 20 -29.91 -1.23 -21.87
CA ASN B 20 -30.08 0.22 -21.82
C ASN B 20 -30.50 0.64 -20.43
N ILE B 21 -29.68 1.50 -19.80
CA ILE B 21 -29.94 1.99 -18.44
C ILE B 21 -29.89 3.52 -18.40
N SER B 22 -30.43 4.10 -17.34
CA SER B 22 -30.41 5.53 -17.08
C SER B 22 -30.18 5.81 -15.58
N SER B 23 -29.70 4.82 -14.82
CA SER B 23 -29.48 4.93 -13.39
C SER B 23 -28.34 4.02 -12.95
N ALA B 24 -27.68 4.38 -11.85
CA ALA B 24 -26.62 3.56 -11.28
C ALA B 24 -27.23 2.26 -10.72
N ASN B 25 -28.40 2.37 -10.07
CA ASN B 25 -29.12 1.23 -9.50
C ASN B 25 -29.51 0.19 -10.58
N GLU B 26 -29.79 0.65 -11.80
CA GLU B 26 -30.14 -0.23 -12.91
C GLU B 26 -28.96 -1.10 -13.32
N LEU B 27 -27.74 -0.54 -13.28
CA LEU B 27 -26.51 -1.25 -13.62
C LEU B 27 -26.27 -2.39 -12.62
N ASN B 28 -26.52 -2.11 -11.33
CA ASN B 28 -26.36 -3.08 -10.24
C ASN B 28 -27.25 -4.30 -10.38
N ALA B 29 -28.43 -4.12 -10.97
CA ALA B 29 -29.38 -5.21 -11.19
C ALA B 29 -29.07 -6.08 -12.39
N LEU B 30 -28.00 -5.79 -13.16
CA LEU B 30 -27.66 -6.59 -14.34
C LEU B 30 -26.61 -7.64 -14.06
N LYS B 31 -26.78 -8.85 -14.60
CA LYS B 31 -25.78 -9.90 -14.47
C LYS B 31 -24.99 -9.88 -15.77
N LEU B 32 -23.96 -9.04 -15.82
CA LEU B 32 -23.18 -8.85 -17.04
C LEU B 32 -22.23 -9.99 -17.37
N GLN B 33 -22.21 -10.36 -18.64
CA GLN B 33 -21.37 -11.43 -19.16
C GLN B 33 -20.37 -10.85 -20.19
N PRO B 34 -19.28 -11.57 -20.53
CA PRO B 34 -18.35 -11.02 -21.53
C PRO B 34 -19.02 -10.72 -22.87
N GLY B 35 -18.69 -9.55 -23.42
CA GLY B 35 -19.23 -9.13 -24.71
C GLY B 35 -20.44 -8.23 -24.64
N ASP B 36 -21.06 -8.13 -23.44
CA ASP B 36 -22.22 -7.30 -23.23
C ASP B 36 -21.87 -5.82 -23.26
N LYS B 37 -22.85 -4.98 -23.54
CA LYS B 37 -22.65 -3.55 -23.55
C LYS B 37 -23.79 -2.90 -22.81
N VAL B 38 -23.49 -2.01 -21.87
CA VAL B 38 -24.48 -1.25 -21.14
C VAL B 38 -24.44 0.16 -21.70
N ILE B 39 -25.59 0.68 -22.11
CA ILE B 39 -25.68 2.01 -22.67
C ILE B 39 -26.37 2.95 -21.70
N PHE B 40 -25.62 3.91 -21.15
CA PHE B 40 -26.21 4.87 -20.25
C PHE B 40 -26.82 5.95 -21.12
N LYS B 41 -28.11 6.21 -20.88
CA LYS B 41 -28.95 7.16 -21.60
C LYS B 41 -28.39 8.59 -21.55
N LYS B 42 -28.50 9.33 -22.67
CA LYS B 42 -28.09 10.73 -22.74
C LYS B 42 -28.87 11.56 -21.75
N GLY B 43 -28.22 12.53 -21.15
CA GLY B 43 -28.85 13.41 -20.17
C GLY B 43 -27.94 13.78 -19.02
N ASN B 44 -28.46 14.55 -18.08
CA ASN B 44 -27.73 15.01 -16.91
C ASN B 44 -28.26 14.26 -15.70
N TRP B 45 -27.49 13.29 -15.22
CA TRP B 45 -27.89 12.46 -14.09
C TRP B 45 -27.17 12.89 -12.82
N LYS B 46 -27.92 13.31 -11.80
CA LYS B 46 -27.33 13.78 -10.55
C LYS B 46 -27.08 12.68 -9.53
N ASN B 47 -26.03 12.85 -8.71
CA ASN B 47 -25.62 11.94 -7.64
C ASN B 47 -25.61 10.46 -8.05
N GLN B 48 -24.90 10.12 -9.12
CA GLN B 48 -24.80 8.75 -9.57
C GLN B 48 -23.57 8.01 -9.02
N GLN B 49 -23.79 7.05 -8.12
CA GLN B 49 -22.72 6.24 -7.59
C GLN B 49 -22.59 5.01 -8.47
N ILE B 50 -21.80 5.11 -9.54
CA ILE B 50 -21.63 4.05 -10.54
C ILE B 50 -20.63 3.00 -10.09
N ASN B 51 -21.08 1.74 -10.00
CA ASN B 51 -20.24 0.63 -9.61
C ASN B 51 -20.20 -0.38 -10.75
N PHE B 52 -19.20 -0.28 -11.61
CA PHE B 52 -19.06 -1.16 -12.77
C PHE B 52 -18.26 -2.38 -12.38
N LYS B 53 -18.94 -3.36 -11.75
CA LYS B 53 -18.34 -4.61 -11.31
C LYS B 53 -18.78 -5.72 -12.25
N ALA B 54 -17.87 -6.15 -13.11
CA ALA B 54 -18.12 -7.17 -14.12
C ALA B 54 -16.79 -7.80 -14.59
N ASN B 55 -16.85 -8.91 -15.35
CA ASN B 55 -15.65 -9.52 -15.90
C ASN B 55 -15.87 -9.83 -17.36
N GLY B 56 -14.89 -9.50 -18.17
CA GLY B 56 -14.90 -9.78 -19.60
C GLY B 56 -13.69 -10.61 -19.98
N THR B 57 -13.48 -10.75 -21.27
CA THR B 57 -12.33 -11.46 -21.80
C THR B 57 -11.57 -10.58 -22.80
N LYS B 58 -10.37 -10.99 -23.21
CA LYS B 58 -9.56 -10.27 -24.19
C LYS B 58 -10.33 -10.09 -25.51
N GLU B 59 -11.10 -11.12 -25.90
CA GLU B 59 -11.85 -11.22 -27.14
C GLU B 59 -13.20 -10.52 -27.05
N LYS B 60 -13.85 -10.65 -25.88
CA LYS B 60 -15.17 -10.09 -25.62
C LYS B 60 -15.19 -9.27 -24.32
N PRO B 61 -14.85 -7.97 -24.35
CA PRO B 61 -14.87 -7.17 -23.10
C PRO B 61 -16.27 -6.69 -22.73
N VAL B 62 -16.47 -6.27 -21.47
CA VAL B 62 -17.75 -5.72 -21.04
C VAL B 62 -17.61 -4.21 -21.19
N VAL B 63 -18.54 -3.56 -21.90
CA VAL B 63 -18.48 -2.13 -22.15
C VAL B 63 -19.59 -1.38 -21.46
N LEU B 64 -19.25 -0.29 -20.78
CA LEU B 64 -20.21 0.64 -20.23
C LEU B 64 -19.97 1.89 -21.08
N ALA B 65 -20.96 2.29 -21.87
CA ALA B 65 -20.79 3.43 -22.78
C ALA B 65 -21.93 4.40 -22.73
N ALA B 66 -21.62 5.68 -23.00
CA ALA B 66 -22.63 6.72 -23.07
C ALA B 66 -23.37 6.55 -24.39
N GLU B 67 -24.68 6.84 -24.42
CA GLU B 67 -25.52 6.70 -25.62
C GLU B 67 -24.94 7.46 -26.81
N LYS B 68 -24.47 8.68 -26.54
CA LYS B 68 -23.80 9.57 -27.48
C LYS B 68 -22.66 10.19 -26.67
N GLY B 69 -21.42 9.95 -27.12
CA GLY B 69 -20.23 10.45 -26.44
C GLY B 69 -20.29 11.92 -26.01
N GLY B 70 -20.02 12.16 -24.73
CA GLY B 70 -20.06 13.49 -24.15
C GLY B 70 -21.41 14.02 -23.79
N GLU B 71 -22.48 13.24 -24.04
CA GLU B 71 -23.83 13.69 -23.72
C GLU B 71 -24.45 12.94 -22.53
N THR B 72 -23.64 12.20 -21.75
CA THR B 72 -24.09 11.55 -20.52
C THR B 72 -23.27 12.20 -19.43
N ILE B 73 -23.88 13.14 -18.74
CA ILE B 73 -23.23 13.90 -17.71
C ILE B 73 -23.63 13.42 -16.34
N PHE B 74 -22.66 13.28 -15.45
CA PHE B 74 -22.82 12.93 -14.06
C PHE B 74 -22.50 14.17 -13.26
N SER B 75 -23.54 14.77 -12.65
CA SER B 75 -23.42 15.97 -11.85
C SER B 75 -23.68 15.68 -10.36
N GLY B 76 -23.55 16.69 -9.50
CA GLY B 76 -23.71 16.50 -8.07
C GLY B 76 -22.62 15.61 -7.51
N ASN B 77 -22.97 14.75 -6.54
CA ASN B 77 -21.99 13.84 -5.97
C ASN B 77 -22.03 12.50 -6.68
N SER B 78 -21.37 12.43 -7.84
CA SER B 78 -21.30 11.23 -8.66
C SER B 78 -19.87 10.69 -8.67
N ASN B 79 -19.72 9.38 -8.59
CA ASN B 79 -18.41 8.71 -8.61
C ASN B 79 -18.50 7.47 -9.47
N LEU B 80 -17.35 7.01 -9.97
CA LEU B 80 -17.29 5.80 -10.77
C LEU B 80 -16.23 4.87 -10.21
N LYS B 81 -16.57 3.60 -10.10
CA LYS B 81 -15.64 2.56 -9.70
C LYS B 81 -15.64 1.52 -10.79
N ILE B 82 -14.46 1.18 -11.28
CA ILE B 82 -14.26 0.17 -12.29
C ILE B 82 -13.68 -1.02 -11.57
N ASP B 83 -14.46 -2.11 -11.43
CA ASP B 83 -14.02 -3.26 -10.64
C ASP B 83 -14.14 -4.59 -11.35
N GLY B 84 -13.05 -5.03 -11.95
CA GLY B 84 -13.03 -6.29 -12.66
C GLY B 84 -12.12 -6.31 -13.86
N ASN B 85 -12.10 -7.41 -14.59
CA ASN B 85 -11.21 -7.56 -15.72
C ASN B 85 -11.85 -7.28 -17.07
N TRP B 86 -11.03 -6.78 -18.00
CA TRP B 86 -11.43 -6.51 -19.38
C TRP B 86 -12.74 -5.72 -19.49
N LEU B 87 -12.78 -4.57 -18.81
CA LEU B 87 -13.92 -3.65 -18.80
C LEU B 87 -13.55 -2.38 -19.55
N VAL B 88 -14.50 -1.77 -20.26
CA VAL B 88 -14.22 -0.52 -20.97
C VAL B 88 -15.31 0.48 -20.60
N VAL B 89 -14.92 1.68 -20.20
CA VAL B 89 -15.83 2.80 -19.89
C VAL B 89 -15.63 3.84 -21.00
N ASP B 90 -16.72 4.32 -21.61
CA ASP B 90 -16.58 5.20 -22.75
C ASP B 90 -17.62 6.33 -22.83
N GLY B 91 -17.15 7.56 -22.99
CA GLY B 91 -17.99 8.71 -23.27
C GLY B 91 -18.61 9.52 -22.16
N PHE B 92 -18.18 9.29 -20.92
CA PHE B 92 -18.81 9.97 -19.79
C PHE B 92 -18.21 11.31 -19.44
N VAL B 93 -19.02 12.19 -18.86
CA VAL B 93 -18.55 13.51 -18.45
C VAL B 93 -18.96 13.72 -17.02
N PHE B 94 -18.02 14.11 -16.17
CA PHE B 94 -18.29 14.43 -14.80
C PHE B 94 -18.08 15.93 -14.69
N LYS B 95 -19.13 16.67 -14.37
CA LYS B 95 -19.05 18.11 -14.22
C LYS B 95 -20.22 18.63 -13.38
N ASP B 96 -20.19 19.93 -13.02
CA ASP B 96 -21.24 20.54 -12.21
C ASP B 96 -21.45 19.81 -10.88
N GLY B 97 -20.37 19.30 -10.30
CA GLY B 97 -20.44 18.58 -9.04
C GLY B 97 -19.12 18.45 -8.33
N PHE B 98 -19.06 17.50 -7.40
CA PHE B 98 -17.88 17.20 -6.60
C PHE B 98 -18.03 15.86 -5.87
N SER B 99 -16.92 15.29 -5.41
CA SER B 99 -16.98 14.06 -4.64
C SER B 99 -17.08 14.41 -3.16
N GLU B 100 -17.87 13.64 -2.41
CA GLU B 100 -17.99 13.85 -0.97
C GLU B 100 -16.83 13.23 -0.18
N LYS B 101 -16.05 12.32 -0.80
CA LYS B 101 -14.95 11.66 -0.11
C LYS B 101 -14.05 10.88 -1.08
N ALA B 102 -14.63 9.92 -1.81
CA ALA B 102 -13.88 9.04 -2.70
C ALA B 102 -13.29 9.73 -3.92
N ASP B 103 -12.31 9.10 -4.58
CA ASP B 103 -11.77 9.59 -5.83
C ASP B 103 -12.87 9.53 -6.90
N VAL B 104 -12.86 10.47 -7.85
CA VAL B 104 -13.91 10.55 -8.86
C VAL B 104 -14.00 9.28 -9.69
N ILE B 105 -12.87 8.85 -10.26
CA ILE B 105 -12.84 7.62 -11.06
C ILE B 105 -11.80 6.73 -10.45
N LEU B 106 -12.17 5.47 -10.14
CA LEU B 106 -11.24 4.58 -9.49
C LEU B 106 -11.22 3.23 -10.15
N PHE B 107 -10.03 2.71 -10.42
CA PHE B 107 -9.84 1.36 -10.87
C PHE B 107 -9.41 0.64 -9.57
N THR B 108 -10.13 -0.42 -9.13
CA THR B 108 -9.74 -1.13 -7.90
C THR B 108 -8.45 -1.97 -8.09
N LYS B 109 -7.86 -2.47 -7.00
CA LYS B 109 -6.68 -3.35 -7.07
C LYS B 109 -6.96 -4.64 -7.85
N SER B 110 -8.22 -5.12 -7.82
CA SER B 110 -8.63 -6.34 -8.54
C SER B 110 -8.89 -6.08 -10.03
N THR B 111 -8.70 -4.86 -10.51
CA THR B 111 -8.99 -4.52 -11.89
C THR B 111 -7.80 -4.73 -12.76
N SER B 112 -7.99 -5.50 -13.83
CA SER B 112 -6.91 -5.77 -14.76
C SER B 112 -7.41 -5.65 -16.18
N ASN B 113 -6.52 -5.23 -17.11
CA ASN B 113 -6.83 -5.09 -18.53
C ASN B 113 -8.08 -4.26 -18.84
N SER B 114 -8.34 -3.23 -18.03
CA SER B 114 -9.51 -2.40 -18.19
C SER B 114 -9.14 -0.98 -18.65
N ARG B 115 -10.13 -0.26 -19.17
CA ARG B 115 -9.87 1.00 -19.82
C ARG B 115 -10.97 2.01 -19.67
N ILE B 116 -10.62 3.28 -19.64
CA ILE B 116 -11.58 4.38 -19.68
C ILE B 116 -11.11 5.25 -20.84
N THR B 117 -12.02 5.53 -21.75
CA THR B 117 -11.75 6.33 -22.93
C THR B 117 -12.84 7.39 -23.16
N ASN B 118 -12.50 8.45 -23.91
CA ASN B 118 -13.45 9.51 -24.28
C ASN B 118 -14.26 10.06 -23.12
N SER B 119 -13.63 10.14 -21.95
CA SER B 119 -14.31 10.64 -20.77
C SER B 119 -13.70 11.92 -20.23
N SER B 120 -14.46 12.73 -19.51
CA SER B 120 -13.97 14.01 -19.00
C SER B 120 -14.35 14.27 -17.57
N ILE B 121 -13.53 15.03 -16.85
CA ILE B 121 -13.78 15.52 -15.49
C ILE B 121 -13.41 16.97 -15.54
N ILE B 122 -14.42 17.85 -15.44
CA ILE B 122 -14.23 19.30 -15.59
C ILE B 122 -14.71 20.10 -14.39
N ASN B 123 -13.83 20.88 -13.76
CA ASN B 123 -14.12 21.73 -12.60
C ASN B 123 -14.98 21.03 -11.53
N TYR B 124 -14.72 19.73 -11.31
CA TYR B 124 -15.41 18.85 -10.38
C TYR B 124 -14.80 19.02 -9.00
N ASN B 125 -14.85 20.24 -8.55
CA ASN B 125 -14.20 20.71 -7.35
C ASN B 125 -15.02 20.69 -6.09
N HIS B 126 -14.35 20.37 -4.97
CA HIS B 126 -14.98 20.42 -3.67
C HIS B 126 -15.04 21.90 -3.23
N PRO B 127 -16.13 22.36 -2.59
CA PRO B 127 -16.16 23.76 -2.10
C PRO B 127 -15.02 24.06 -1.12
N ASP B 128 -14.45 23.03 -0.47
CA ASP B 128 -13.33 23.20 0.43
C ASP B 128 -12.02 22.86 -0.29
N LYS B 129 -11.21 23.90 -0.54
CA LYS B 129 -9.91 23.85 -1.19
C LYS B 129 -8.94 22.82 -0.53
N THR B 130 -9.08 22.59 0.78
CA THR B 130 -8.24 21.65 1.52
C THR B 130 -8.74 20.19 1.47
N PHE B 131 -9.96 19.94 0.95
CA PHE B 131 -10.49 18.58 0.92
C PHE B 131 -9.85 17.74 -0.20
N ASP B 132 -9.18 16.64 0.20
CA ASP B 132 -8.39 15.76 -0.67
C ASP B 132 -9.13 14.58 -1.25
N TYR B 133 -9.17 14.55 -2.57
CA TYR B 133 -9.57 13.40 -3.37
C TYR B 133 -8.90 13.57 -4.74
N LYS B 134 -8.63 12.46 -5.40
CA LYS B 134 -8.01 12.49 -6.72
C LYS B 134 -9.14 12.35 -7.76
N TRP B 135 -8.87 12.80 -8.99
CA TRP B 135 -9.86 12.69 -10.04
C TRP B 135 -9.82 11.32 -10.71
N LEU B 136 -8.63 10.73 -10.85
CA LEU B 136 -8.50 9.39 -11.37
C LEU B 136 -7.44 8.63 -10.60
N SER B 137 -7.80 7.45 -10.09
CA SER B 137 -6.88 6.62 -9.35
C SER B 137 -6.77 5.29 -10.02
N LEU B 138 -5.54 4.94 -10.36
CA LEU B 138 -5.20 3.70 -10.97
C LEU B 138 -4.61 2.75 -9.96
N ASN B 139 -5.21 1.58 -9.90
CA ASN B 139 -4.72 0.44 -9.14
C ASN B 139 -4.75 -0.78 -10.10
N GLY B 140 -4.27 -1.93 -9.65
CA GLY B 140 -4.30 -3.14 -10.47
C GLY B 140 -3.23 -3.25 -11.52
N GLU B 141 -3.54 -3.96 -12.61
CA GLU B 141 -2.55 -4.21 -13.64
C GLU B 141 -3.07 -3.96 -15.02
N ASN B 142 -2.20 -3.50 -15.92
CA ASN B 142 -2.46 -3.31 -17.34
C ASN B 142 -3.74 -2.53 -17.65
N ASN B 143 -3.95 -1.43 -16.93
CA ASN B 143 -5.10 -0.57 -17.16
C ASN B 143 -4.71 0.63 -18.05
N ARG B 144 -5.69 1.21 -18.70
CA ARG B 144 -5.46 2.27 -19.65
C ARG B 144 -6.41 3.44 -19.53
N VAL B 145 -5.87 4.65 -19.50
CA VAL B 145 -6.63 5.89 -19.47
C VAL B 145 -6.25 6.59 -20.76
N ASP B 146 -7.18 6.73 -21.70
CA ASP B 146 -6.86 7.34 -22.99
C ASP B 146 -7.97 8.22 -23.50
N HIS B 147 -7.60 9.23 -24.28
CA HIS B 147 -8.54 10.15 -24.92
C HIS B 147 -9.50 10.78 -23.94
N CYS B 148 -8.99 11.11 -22.78
CA CYS B 148 -9.78 11.73 -21.74
C CYS B 148 -9.40 13.19 -21.60
N ASP B 149 -10.15 13.92 -20.78
CA ASP B 149 -9.92 15.33 -20.52
C ASP B 149 -10.11 15.52 -19.01
N PHE B 150 -9.08 16.01 -18.31
CA PHE B 150 -9.17 16.29 -16.87
C PHE B 150 -8.71 17.73 -16.71
N THR B 151 -9.66 18.65 -16.40
CA THR B 151 -9.33 20.09 -16.36
C THR B 151 -9.97 20.85 -15.18
N GLY B 152 -9.18 21.75 -14.59
CA GLY B 152 -9.61 22.74 -13.61
C GLY B 152 -9.67 22.37 -12.16
N LYS B 153 -8.83 21.43 -11.71
CA LYS B 153 -8.82 21.01 -10.30
C LYS B 153 -8.31 22.09 -9.39
N THR B 154 -9.10 22.50 -8.38
CA THR B 154 -8.76 23.58 -7.45
C THR B 154 -8.55 23.12 -5.99
N HIS B 155 -8.84 21.85 -5.70
CA HIS B 155 -8.71 21.35 -4.34
C HIS B 155 -7.56 20.35 -4.19
N GLN B 156 -7.18 20.11 -2.93
CA GLN B 156 -6.12 19.20 -2.54
C GLN B 156 -6.15 17.84 -3.26
N GLY B 157 -4.97 17.35 -3.64
CA GLY B 157 -4.84 16.05 -4.29
C GLY B 157 -4.44 16.12 -5.74
N THR B 158 -3.54 15.21 -6.13
CA THR B 158 -3.06 15.05 -7.50
C THR B 158 -4.27 14.74 -8.41
N THR B 159 -4.24 15.19 -9.67
CA THR B 159 -5.36 14.90 -10.59
C THR B 159 -5.48 13.40 -10.88
N LEU B 160 -4.39 12.80 -11.32
CA LEU B 160 -4.38 11.37 -11.65
C LEU B 160 -3.26 10.70 -10.89
N VAL B 161 -3.56 9.59 -10.23
CA VAL B 161 -2.57 8.91 -9.42
C VAL B 161 -2.43 7.47 -9.84
N VAL B 162 -1.17 7.01 -9.89
CA VAL B 162 -0.93 5.59 -10.08
C VAL B 162 -0.50 5.11 -8.69
N TRP B 163 -1.33 4.27 -8.05
CA TRP B 163 -0.99 3.72 -6.73
C TRP B 163 -0.17 2.43 -6.89
N LEU B 164 1.06 2.44 -6.39
CA LEU B 164 1.94 1.28 -6.49
C LEU B 164 1.53 0.11 -5.58
N ASP B 165 1.84 -1.09 -6.03
CA ASP B 165 1.64 -2.33 -5.29
C ASP B 165 2.90 -3.22 -5.51
N GLU B 166 2.90 -4.43 -4.95
CA GLU B 166 4.06 -5.34 -4.99
C GLU B 166 4.47 -5.80 -6.37
N LYS B 167 3.58 -5.68 -7.34
CA LYS B 167 3.90 -6.05 -8.72
C LYS B 167 3.82 -4.83 -9.61
N PRO B 168 4.69 -4.75 -10.66
CA PRO B 168 4.58 -3.60 -11.61
C PRO B 168 3.19 -3.58 -12.24
N ASN B 169 2.66 -2.37 -12.46
CA ASN B 169 1.33 -2.22 -13.02
C ASN B 169 1.34 -2.21 -14.55
N HIS B 170 2.36 -1.63 -15.17
CA HIS B 170 2.39 -1.51 -16.64
C HIS B 170 1.19 -0.73 -17.18
N HIS B 171 0.68 0.27 -16.40
CA HIS B 171 -0.44 1.07 -16.87
C HIS B 171 -0.06 1.91 -18.09
N GLN B 172 -1.06 2.29 -18.87
CA GLN B 172 -0.82 3.16 -20.02
C GLN B 172 -1.76 4.38 -19.95
N ILE B 173 -1.16 5.58 -19.88
CA ILE B 173 -1.87 6.87 -19.84
C ILE B 173 -1.49 7.61 -21.14
N ASP B 174 -2.42 7.63 -22.10
CA ASP B 174 -2.12 8.16 -23.42
C ASP B 174 -3.20 8.95 -24.10
N HIS B 175 -2.79 9.89 -24.94
CA HIS B 175 -3.69 10.70 -25.73
C HIS B 175 -4.71 11.47 -24.93
N ASN B 176 -4.37 11.83 -23.70
CA ASN B 176 -5.29 12.60 -22.86
C ASN B 176 -4.95 14.07 -22.91
N TYR B 177 -5.91 14.93 -22.59
CA TYR B 177 -5.74 16.36 -22.47
C TYR B 177 -5.88 16.70 -20.97
N PHE B 178 -4.79 17.13 -20.33
CA PHE B 178 -4.79 17.56 -18.94
C PHE B 178 -4.80 19.07 -19.05
N GLY B 179 -5.96 19.68 -18.85
CA GLY B 179 -6.13 21.12 -19.03
C GLY B 179 -5.67 21.97 -17.88
N PRO B 180 -5.93 23.28 -17.98
CA PRO B 180 -5.48 24.20 -16.93
C PRO B 180 -5.80 23.77 -15.51
N ARG B 181 -4.81 23.82 -14.65
CA ARG B 181 -5.00 23.50 -13.25
C ARG B 181 -4.39 24.67 -12.55
N PRO B 182 -5.18 25.44 -11.79
CA PRO B 182 -4.60 26.60 -11.10
C PRO B 182 -3.67 26.22 -9.96
N ALA B 183 -2.85 27.17 -9.52
CA ALA B 183 -1.91 26.97 -8.44
C ALA B 183 -2.65 26.62 -7.15
N LEU B 184 -2.28 25.51 -6.52
CA LEU B 184 -2.93 25.05 -5.31
C LEU B 184 -2.51 25.85 -4.08
N GLY B 185 -1.25 26.26 -4.04
CA GLY B 185 -0.73 27.02 -2.92
C GLY B 185 0.12 26.18 -1.98
N VAL B 186 -0.10 24.86 -2.00
CA VAL B 186 0.60 23.88 -1.18
C VAL B 186 0.93 22.63 -2.05
N ASN B 187 1.71 21.70 -1.50
CA ASN B 187 2.05 20.46 -2.15
C ASN B 187 0.84 19.53 -2.24
N GLY B 188 0.82 18.71 -3.29
CA GLY B 188 -0.30 17.82 -3.58
C GLY B 188 -1.18 18.38 -4.69
N GLY B 189 -0.56 19.08 -5.63
CA GLY B 189 -1.24 19.69 -6.76
C GLY B 189 -0.70 19.20 -8.09
N GLU B 190 -0.11 18.00 -8.10
CA GLU B 190 0.47 17.41 -9.31
C GLU B 190 -0.60 17.03 -10.29
N THR B 191 -0.24 16.93 -11.58
CA THR B 191 -1.16 16.43 -12.56
C THR B 191 -1.12 14.90 -12.54
N ILE B 192 0.07 14.31 -12.56
CA ILE B 192 0.24 12.85 -12.48
C ILE B 192 1.29 12.53 -11.45
N ARG B 193 0.98 11.62 -10.53
CA ARG B 193 1.97 11.16 -9.56
C ARG B 193 2.02 9.65 -9.70
N ILE B 194 3.21 9.08 -9.95
CA ILE B 194 3.33 7.64 -10.09
C ILE B 194 4.08 7.10 -8.87
N GLY B 195 3.34 6.69 -7.87
CA GLY B 195 3.92 6.18 -6.65
C GLY B 195 3.99 7.22 -5.55
N THR B 196 4.55 6.79 -4.41
CA THR B 196 4.80 7.56 -3.20
C THR B 196 6.16 7.13 -2.65
N SER B 197 6.72 7.89 -1.69
CA SER B 197 8.04 7.57 -1.12
CA SER B 197 8.03 7.56 -1.10
C SER B 197 8.12 6.11 -0.59
N THR B 198 7.04 5.60 0.02
CA THR B 198 7.00 4.22 0.55
C THR B 198 7.20 3.17 -0.54
N TRP B 199 6.64 3.40 -1.72
CA TRP B 199 6.74 2.46 -2.83
C TRP B 199 7.76 2.85 -3.88
N SER B 200 8.64 3.83 -3.59
CA SER B 200 9.57 4.37 -4.58
C SER B 200 10.63 3.39 -5.11
N MET B 201 11.01 2.38 -4.31
CA MET B 201 11.98 1.39 -4.76
C MET B 201 11.33 0.22 -5.52
N HIS B 202 10.00 0.24 -5.69
CA HIS B 202 9.30 -0.78 -6.45
C HIS B 202 9.21 -0.38 -7.92
N ASP B 203 9.14 -1.36 -8.81
CA ASP B 203 8.99 -1.13 -10.24
C ASP B 203 7.55 -0.84 -10.56
N SER B 204 7.31 0.11 -11.45
CA SER B 204 5.95 0.50 -11.80
C SER B 204 5.70 0.20 -13.25
N TYR B 205 6.66 0.54 -14.14
CA TYR B 205 6.56 0.36 -15.60
C TYR B 205 5.36 1.08 -16.20
N THR B 206 4.98 2.25 -15.67
CA THR B 206 3.85 3.00 -16.24
C THR B 206 4.31 3.73 -17.48
N LEU B 207 3.47 3.80 -18.51
CA LEU B 207 3.79 4.55 -19.72
C LEU B 207 2.85 5.79 -19.80
N VAL B 208 3.43 7.02 -19.85
CA VAL B 208 2.73 8.29 -20.00
C VAL B 208 3.18 8.78 -21.37
N GLU B 209 2.28 8.73 -22.36
CA GLU B 209 2.64 8.95 -23.74
C GLU B 209 1.62 9.69 -24.56
N ASN B 210 2.08 10.64 -25.39
CA ASN B 210 1.20 11.35 -26.30
C ASN B 210 0.10 12.15 -25.61
N ASN B 211 0.35 12.68 -24.40
CA ASN B 211 -0.66 13.49 -23.71
C ASN B 211 -0.31 14.96 -23.85
N ILE B 212 -1.33 15.82 -23.69
CA ILE B 212 -1.10 17.25 -23.65
C ILE B 212 -1.30 17.69 -22.20
N PHE B 213 -0.34 18.43 -21.65
CA PHE B 213 -0.47 19.02 -20.33
C PHE B 213 -0.48 20.52 -20.65
N ASP B 214 -1.63 21.15 -20.52
CA ASP B 214 -1.79 22.56 -20.91
C ASP B 214 -2.05 23.43 -19.70
N LYS B 215 -1.08 24.28 -19.34
CA LYS B 215 -1.21 25.18 -18.20
C LYS B 215 -1.53 24.45 -16.91
N CYS B 216 -0.85 23.32 -16.70
CA CYS B 216 -0.99 22.55 -15.48
C CYS B 216 -0.07 23.21 -14.50
N ASP B 217 -0.62 24.10 -13.68
CA ASP B 217 0.11 24.96 -12.77
C ASP B 217 -0.17 24.68 -11.29
N GLY B 218 -0.64 23.48 -10.96
CA GLY B 218 -1.00 23.09 -9.59
C GLY B 218 0.11 23.22 -8.57
N GLU B 219 1.32 22.85 -8.97
CA GLU B 219 2.49 22.94 -8.10
C GLU B 219 3.76 22.73 -8.93
N MET B 220 4.93 22.73 -8.26
CA MET B 220 6.25 22.57 -8.81
C MET B 220 6.35 21.30 -9.68
N GLU B 221 5.65 20.23 -9.29
CA GLU B 221 5.69 18.99 -10.03
C GLU B 221 4.45 18.79 -10.86
N ILE B 222 4.56 18.92 -12.20
CA ILE B 222 3.45 18.62 -13.11
C ILE B 222 3.32 17.07 -13.09
N ILE B 223 4.45 16.37 -13.22
CA ILE B 223 4.55 14.93 -13.13
C ILE B 223 5.55 14.69 -12.06
N SER B 224 5.20 13.80 -11.14
CA SER B 224 6.08 13.42 -10.09
C SER B 224 6.25 11.89 -10.17
N LEU B 225 7.42 11.44 -10.53
CA LEU B 225 7.74 10.01 -10.57
C LEU B 225 8.30 9.65 -9.19
N LYS B 226 7.67 8.69 -8.53
CA LYS B 226 8.02 8.22 -7.19
C LYS B 226 7.97 6.68 -7.13
N SER B 227 8.51 6.03 -8.16
CA SER B 227 8.67 4.58 -8.38
C SER B 227 9.64 4.35 -9.57
N GLY B 228 9.98 3.11 -9.89
CA GLY B 228 10.95 2.82 -10.93
C GLY B 228 10.44 2.29 -12.24
N HIS B 229 11.27 2.39 -13.29
CA HIS B 229 11.01 1.89 -14.65
C HIS B 229 9.83 2.49 -15.34
N ASN B 230 9.54 3.76 -15.07
CA ASN B 230 8.43 4.45 -15.73
C ASN B 230 8.96 5.14 -16.97
N THR B 231 8.09 5.36 -17.96
CA THR B 231 8.46 6.06 -19.19
C THR B 231 7.47 7.15 -19.49
N VAL B 232 7.97 8.40 -19.57
CA VAL B 232 7.21 9.57 -19.93
C VAL B 232 7.78 9.95 -21.31
N ASN B 233 7.05 9.57 -22.34
CA ASN B 233 7.50 9.70 -23.71
C ASN B 233 6.57 10.46 -24.61
N ASN B 234 7.13 11.36 -25.41
CA ASN B 234 6.44 12.07 -26.50
C ASN B 234 5.16 12.78 -26.08
N ASN B 235 5.21 13.57 -24.97
CA ASN B 235 4.10 14.37 -24.47
C ASN B 235 4.38 15.86 -24.70
N LEU B 236 3.35 16.70 -24.60
CA LEU B 236 3.51 18.14 -24.70
C LEU B 236 3.21 18.75 -23.32
N PHE B 237 4.12 19.61 -22.82
CA PHE B 237 3.95 20.37 -21.58
C PHE B 237 3.95 21.82 -22.05
N TYR B 238 2.78 22.34 -22.30
CA TYR B 238 2.59 23.67 -22.85
C TYR B 238 2.19 24.70 -21.81
N GLU B 239 3.05 25.71 -21.60
CA GLU B 239 2.83 26.81 -20.67
C GLU B 239 2.53 26.31 -19.26
N CYS B 240 3.25 25.27 -18.83
CA CYS B 240 3.06 24.66 -17.53
C CYS B 240 3.95 25.28 -16.49
N ASP B 241 3.36 25.74 -15.40
CA ASP B 241 4.11 26.36 -14.30
C ASP B 241 4.53 25.26 -13.37
N GLY B 242 5.63 24.62 -13.74
CA GLY B 242 6.18 23.47 -13.03
C GLY B 242 7.22 22.72 -13.85
N THR B 243 7.58 21.51 -13.40
CA THR B 243 8.62 20.67 -14.00
C THR B 243 8.15 19.22 -14.13
N VAL B 244 8.91 18.40 -14.86
CA VAL B 244 8.75 16.96 -14.93
C VAL B 244 9.86 16.48 -14.00
N THR B 245 9.49 15.99 -12.82
CA THR B 245 10.47 15.61 -11.82
C THR B 245 10.58 14.10 -11.61
N PHE B 246 11.81 13.61 -11.66
CA PHE B 246 12.14 12.25 -11.27
C PHE B 246 12.32 12.47 -9.76
N ARG B 247 11.24 12.33 -8.96
CA ARG B 247 11.28 12.67 -7.54
C ARG B 247 11.87 11.57 -6.67
N HIS B 248 11.38 10.34 -6.83
CA HIS B 248 11.90 9.16 -6.11
C HIS B 248 11.95 7.99 -7.10
N GLY B 249 12.85 7.05 -6.86
CA GLY B 249 12.96 5.89 -7.71
C GLY B 249 14.09 5.96 -8.72
N ASN B 250 14.34 4.82 -9.35
CA ASN B 250 15.45 4.68 -10.26
C ASN B 250 14.98 4.14 -11.60
N TYR B 251 15.87 4.18 -12.61
CA TYR B 251 15.59 3.61 -13.92
C TYR B 251 14.36 4.19 -14.63
N ASN B 252 14.11 5.49 -14.46
CA ASN B 252 13.01 6.15 -15.15
C ASN B 252 13.50 6.77 -16.48
N THR B 253 12.60 6.96 -17.45
CA THR B 253 12.94 7.58 -18.74
C THR B 253 12.01 8.77 -19.05
N VAL B 254 12.61 9.90 -19.41
CA VAL B 254 11.82 11.07 -19.84
C VAL B 254 12.37 11.36 -21.21
N SER B 255 11.60 11.02 -22.25
CA SER B 255 12.10 11.09 -23.61
C SER B 255 11.17 11.68 -24.64
N ASN B 256 11.73 12.33 -25.65
CA ASN B 256 10.99 12.79 -26.82
C ASN B 256 9.83 13.75 -26.52
N ASN B 257 9.83 14.36 -25.33
CA ASN B 257 8.78 15.28 -24.89
C ASN B 257 9.05 16.68 -25.39
N TYR B 258 8.00 17.51 -25.39
CA TYR B 258 8.10 18.88 -25.82
C TYR B 258 7.67 19.69 -24.64
N ILE B 259 8.61 20.40 -24.00
CA ILE B 259 8.26 21.28 -22.91
C ILE B 259 8.38 22.68 -23.47
N LEU B 260 7.23 23.27 -23.79
CA LEU B 260 7.20 24.57 -24.44
C LEU B 260 6.56 25.62 -23.54
N GLY B 261 7.43 26.39 -22.89
CA GLY B 261 7.00 27.41 -21.94
C GLY B 261 6.40 28.64 -22.58
N ASN B 262 6.74 28.91 -23.84
CA ASN B 262 6.30 30.12 -24.53
C ASN B 262 6.70 31.40 -23.78
N GLY B 263 7.75 31.34 -22.96
CA GLY B 263 8.23 32.48 -22.18
C GLY B 263 7.50 32.67 -20.86
N LYS B 264 6.53 31.81 -20.53
CA LYS B 264 5.72 31.96 -19.36
C LYS B 264 6.51 31.84 -18.07
N LYS B 265 6.29 32.80 -17.17
CA LYS B 265 6.93 32.87 -15.85
C LYS B 265 6.94 31.50 -15.12
N ASN B 266 8.15 31.09 -14.74
CA ASN B 266 8.47 29.88 -14.00
C ASN B 266 8.22 28.56 -14.68
N THR B 267 8.12 28.54 -16.03
CA THR B 267 8.00 27.27 -16.76
C THR B 267 9.35 26.55 -16.62
N GLY B 268 9.32 25.38 -16.01
CA GLY B 268 10.52 24.60 -15.78
C GLY B 268 10.64 23.42 -16.71
N GLY B 269 11.77 22.72 -16.62
CA GLY B 269 12.01 21.60 -17.50
C GLY B 269 11.97 20.27 -16.81
N ILE B 270 13.06 19.54 -16.93
CA ILE B 270 13.18 18.20 -16.36
C ILE B 270 14.13 18.21 -15.17
N ARG B 271 13.64 17.82 -13.99
CA ARG B 271 14.43 17.79 -12.75
C ARG B 271 14.79 16.33 -12.36
N ILE B 272 16.09 16.05 -12.28
CA ILE B 272 16.63 14.72 -12.03
C ILE B 272 17.08 14.56 -10.59
N ILE B 273 16.65 13.45 -9.97
CA ILE B 273 16.99 13.00 -8.63
C ILE B 273 17.04 11.44 -8.73
N GLY B 274 18.04 10.81 -8.10
CA GLY B 274 18.12 9.35 -8.11
C GLY B 274 18.96 8.77 -9.21
N GLU B 275 18.88 7.46 -9.37
CA GLU B 275 19.81 6.68 -10.16
C GLU B 275 19.32 6.14 -11.50
N ASN B 276 20.26 5.95 -12.42
CA ASN B 276 20.08 5.35 -13.74
C ASN B 276 18.88 5.89 -14.55
N HIS B 277 18.72 7.22 -14.54
CA HIS B 277 17.69 7.88 -15.30
C HIS B 277 18.20 8.27 -16.70
N LYS B 278 17.33 8.24 -17.70
CA LYS B 278 17.64 8.61 -19.07
C LYS B 278 16.74 9.74 -19.48
N VAL B 279 17.32 10.83 -19.98
CA VAL B 279 16.63 12.03 -20.42
C VAL B 279 17.12 12.25 -21.85
N PHE B 280 16.31 11.90 -22.86
CA PHE B 280 16.77 12.03 -24.24
C PHE B 280 15.73 12.48 -25.23
N GLY B 281 16.17 13.21 -26.25
CA GLY B 281 15.30 13.63 -27.35
C GLY B 281 14.22 14.64 -27.01
N ASN B 282 14.34 15.29 -25.86
CA ASN B 282 13.37 16.27 -25.41
C ASN B 282 13.62 17.64 -26.06
N TYR B 283 12.56 18.41 -26.32
CA TYR B 283 12.62 19.75 -26.87
C TYR B 283 12.19 20.63 -25.72
N LEU B 284 13.12 21.39 -25.17
CA LEU B 284 12.93 22.18 -23.96
C LEU B 284 13.11 23.64 -24.34
N GLN B 285 12.00 24.28 -24.72
CA GLN B 285 12.10 25.60 -25.34
C GLN B 285 11.15 26.63 -24.81
N GLY B 286 11.64 27.86 -24.76
CA GLY B 286 10.90 29.02 -24.25
C GLY B 286 10.70 28.95 -22.75
N LEU B 287 11.63 28.31 -22.03
CA LEU B 287 11.47 28.12 -20.57
C LEU B 287 11.96 29.29 -19.77
N ASP B 288 11.26 29.62 -18.71
CA ASP B 288 11.64 30.78 -17.89
C ASP B 288 12.35 30.38 -16.57
N GLY B 289 12.27 29.12 -16.19
CA GLY B 289 12.85 28.66 -14.95
C GLY B 289 14.36 28.60 -14.84
N SER B 290 14.84 28.52 -13.63
CA SER B 290 16.24 28.39 -13.31
C SER B 290 16.37 27.66 -11.96
N GLY B 291 17.56 27.14 -11.67
CA GLY B 291 17.78 26.40 -10.44
C GLY B 291 17.07 25.07 -10.53
N LEU B 292 16.09 24.82 -9.65
CA LEU B 292 15.30 23.59 -9.70
C LEU B 292 14.36 23.54 -10.92
N ARG B 293 14.08 24.71 -11.55
CA ARG B 293 13.22 24.81 -12.72
C ARG B 293 14.02 25.05 -14.01
N ALA B 294 15.34 24.78 -14.02
CA ALA B 294 16.15 24.92 -15.23
C ALA B 294 15.66 23.91 -16.28
N ALA B 295 16.01 24.09 -17.59
CA ALA B 295 15.58 23.16 -18.63
C ALA B 295 15.95 21.70 -18.27
N ILE B 296 17.17 21.50 -17.72
CA ILE B 296 17.59 20.20 -17.19
C ILE B 296 18.28 20.48 -15.86
N SER B 297 17.64 20.09 -14.75
CA SER B 297 18.12 20.30 -13.41
C SER B 297 18.66 18.99 -12.87
N ILE B 298 19.88 18.94 -12.37
CA ILE B 298 20.45 17.69 -11.87
C ILE B 298 20.72 17.91 -10.41
N MET B 299 19.77 17.57 -9.55
CA MET B 299 19.82 17.89 -8.13
C MET B 299 20.96 17.34 -7.28
N SER B 300 21.30 18.12 -6.26
CA SER B 300 22.20 17.71 -5.20
C SER B 300 21.32 16.89 -4.21
N ALA B 301 21.95 16.06 -3.37
CA ALA B 301 21.17 15.22 -2.45
C ALA B 301 21.85 14.94 -1.06
N LEU B 302 21.11 14.33 -0.10
CA LEU B 302 21.61 13.97 1.24
C LEU B 302 22.54 12.75 1.17
N GLU B 303 23.37 12.53 2.21
CA GLU B 303 24.29 11.39 2.26
C GLU B 303 23.61 10.05 2.62
N LYS B 304 22.72 10.06 3.63
CA LYS B 304 22.02 8.85 4.07
C LYS B 304 20.53 9.19 4.09
N PRO B 305 19.91 9.25 2.90
CA PRO B 305 18.51 9.67 2.85
C PRO B 305 17.54 8.56 3.16
N GLN B 306 16.45 8.97 3.78
CA GLN B 306 15.28 8.13 3.99
C GLN B 306 14.51 8.23 2.65
N LEU B 307 13.58 7.29 2.40
CA LEU B 307 12.85 7.22 1.13
C LEU B 307 12.14 8.52 0.74
N HIS B 308 11.73 9.34 1.70
CA HIS B 308 11.03 10.60 1.40
C HIS B 308 11.96 11.81 1.21
N GLU B 309 13.29 11.60 1.20
CA GLU B 309 14.23 12.71 1.07
C GLU B 309 14.75 12.84 -0.39
N TYR B 310 16.07 13.04 -0.62
CA TYR B 310 16.67 13.21 -1.93
C TYR B 310 17.80 12.20 -2.09
N PHE B 311 17.75 11.38 -3.14
CA PHE B 311 18.79 10.39 -3.38
C PHE B 311 19.78 10.94 -4.41
N GLN B 312 21.08 10.70 -4.20
CA GLN B 312 22.15 11.19 -5.08
C GLN B 312 21.94 10.81 -6.54
N VAL B 313 22.07 11.78 -7.44
CA VAL B 313 21.96 11.49 -8.88
C VAL B 313 23.16 10.66 -9.32
N ILE B 314 22.92 9.41 -9.70
CA ILE B 314 23.98 8.52 -10.13
C ILE B 314 23.68 8.06 -11.55
N ASN B 315 24.69 8.10 -12.41
CA ASN B 315 24.60 7.65 -13.79
C ASN B 315 23.42 8.24 -14.60
N PRO B 316 23.17 9.57 -14.57
CA PRO B 316 22.13 10.13 -15.47
C PRO B 316 22.67 10.10 -16.90
N GLN B 317 21.84 9.77 -17.88
CA GLN B 317 22.27 9.75 -19.27
C GLN B 317 21.41 10.72 -20.07
N ILE B 318 21.92 11.93 -20.25
CA ILE B 318 21.23 13.07 -20.87
C ILE B 318 21.79 13.30 -22.26
N VAL B 319 21.03 12.90 -23.30
CA VAL B 319 21.53 12.93 -24.68
C VAL B 319 20.50 13.46 -25.67
N GLY B 320 20.93 14.13 -26.73
CA GLY B 320 20.05 14.54 -27.82
C GLY B 320 18.90 15.48 -27.52
N ASN B 321 18.97 16.22 -26.41
CA ASN B 321 17.94 17.18 -26.07
C ASN B 321 18.25 18.51 -26.71
N ILE B 322 17.21 19.21 -27.17
CA ILE B 322 17.38 20.51 -27.76
C ILE B 322 16.75 21.56 -26.86
N ILE B 323 17.60 22.37 -26.23
CA ILE B 323 17.17 23.46 -25.37
C ILE B 323 17.27 24.75 -26.18
N ALA B 324 16.19 25.53 -26.25
CA ALA B 324 16.19 26.75 -27.06
C ALA B 324 15.41 27.86 -26.41
N ASP B 325 15.77 29.13 -26.69
CA ASP B 325 15.02 30.32 -26.22
C ASP B 325 14.62 30.29 -24.73
N SER B 326 15.53 29.82 -23.86
CA SER B 326 15.22 29.69 -22.44
C SER B 326 16.15 30.52 -21.54
N LYS B 327 15.83 30.63 -20.25
CA LYS B 327 16.65 31.39 -19.31
C LYS B 327 17.90 30.60 -18.91
N GLU B 328 17.73 29.32 -18.57
CA GLU B 328 18.84 28.51 -18.08
C GLU B 328 18.77 27.08 -18.60
N GLY B 329 19.84 26.63 -19.23
CA GLY B 329 19.93 25.31 -19.82
C GLY B 329 20.07 24.19 -18.81
N ILE B 330 21.31 23.92 -18.41
CA ILE B 330 21.58 22.84 -17.47
C ILE B 330 22.05 23.38 -16.14
N ASP B 331 21.48 22.87 -15.05
CA ASP B 331 21.96 23.25 -13.73
C ASP B 331 22.48 22.00 -13.04
N ILE B 332 23.83 21.82 -13.01
CA ILE B 332 24.40 20.65 -12.34
C ILE B 332 24.54 20.94 -10.86
N GLY B 333 23.92 20.13 -10.03
CA GLY B 333 23.99 20.29 -8.59
C GLY B 333 22.90 21.16 -8.00
N ALA B 334 21.84 21.46 -8.78
CA ALA B 334 20.72 22.28 -8.33
C ALA B 334 20.18 21.91 -6.92
N GLY B 335 19.74 22.92 -6.18
CA GLY B 335 19.18 22.74 -4.84
C GLY B 335 20.19 22.51 -3.72
N LYS B 336 21.49 22.52 -4.02
CA LYS B 336 22.53 22.32 -3.01
C LYS B 336 22.39 23.27 -1.80
N ASN B 337 22.45 22.72 -0.58
CA ASN B 337 22.40 23.50 0.66
C ASN B 337 23.28 22.81 1.75
N GLU B 338 23.08 23.10 3.05
CA GLU B 338 23.89 22.48 4.10
C GLU B 338 23.56 21.00 4.22
N LYS B 339 22.28 20.64 4.05
CA LYS B 339 21.85 19.25 4.11
C LYS B 339 22.21 18.51 2.81
N ARG B 340 21.82 19.05 1.64
CA ARG B 340 22.09 18.42 0.34
C ARG B 340 23.43 18.83 -0.22
N MET B 341 24.48 18.04 0.04
CA MET B 341 25.84 18.29 -0.39
C MET B 341 26.37 17.29 -1.43
N LEU B 342 25.73 16.11 -1.56
CA LEU B 342 26.18 15.13 -2.54
C LEU B 342 25.91 15.59 -3.95
N PRO B 343 26.96 15.67 -4.78
CA PRO B 343 26.77 16.10 -6.16
C PRO B 343 26.43 14.94 -7.10
N PRO B 344 25.93 15.24 -8.32
CA PRO B 344 25.68 14.15 -9.28
C PRO B 344 26.99 13.41 -9.64
N LYS B 345 26.91 12.11 -9.88
CA LYS B 345 28.08 11.33 -10.24
C LYS B 345 27.81 10.36 -11.35
N ASP B 346 28.86 10.11 -12.16
CA ASP B 346 28.83 9.15 -13.27
CA ASP B 346 28.82 9.14 -13.27
C ASP B 346 27.82 9.54 -14.38
N GLY B 347 27.74 8.73 -15.43
CA GLY B 347 26.86 9.02 -16.55
C GLY B 347 27.40 10.10 -17.45
N PHE B 348 26.55 10.64 -18.32
CA PHE B 348 27.01 11.62 -19.29
C PHE B 348 25.94 12.62 -19.72
N LEU B 349 26.42 13.71 -20.34
CA LEU B 349 25.68 14.80 -20.92
C LEU B 349 26.30 15.02 -22.29
N LYS B 350 25.73 14.38 -23.30
CA LYS B 350 26.30 14.50 -24.65
C LYS B 350 25.30 14.74 -25.74
N ASN B 351 25.76 15.32 -26.87
CA ASN B 351 24.98 15.55 -28.06
C ASN B 351 23.69 16.35 -27.82
N ASN B 352 23.74 17.28 -26.87
CA ASN B 352 22.63 18.17 -26.59
C ASN B 352 22.90 19.49 -27.31
N TYR B 353 21.85 20.26 -27.55
CA TYR B 353 21.95 21.56 -28.17
C TYR B 353 21.41 22.57 -27.23
N VAL B 354 22.11 23.71 -27.08
CA VAL B 354 21.60 24.82 -26.27
C VAL B 354 21.73 26.09 -27.13
N ILE B 355 20.62 26.57 -27.70
CA ILE B 355 20.62 27.76 -28.55
C ILE B 355 19.77 28.88 -27.93
N ASN B 356 20.17 30.14 -28.19
CA ASN B 356 19.54 31.38 -27.69
C ASN B 356 19.06 31.26 -26.24
N THR B 357 19.93 30.77 -25.35
CA THR B 357 19.59 30.56 -23.94
C THR B 357 20.55 31.38 -23.09
N ARG B 358 20.05 32.22 -22.19
CA ARG B 358 20.89 33.15 -21.39
C ARG B 358 22.03 32.49 -20.59
N THR B 359 21.82 31.31 -20.01
CA THR B 359 22.86 30.60 -19.29
C THR B 359 22.89 29.18 -19.81
N VAL B 360 24.00 28.78 -20.44
CA VAL B 360 24.10 27.45 -21.01
C VAL B 360 24.18 26.42 -19.91
N ILE B 361 25.12 26.64 -18.97
CA ILE B 361 25.30 25.72 -17.88
C ILE B 361 25.67 26.46 -16.61
N LYS B 362 24.89 26.20 -15.56
CA LYS B 362 25.07 26.72 -14.21
C LYS B 362 25.56 25.56 -13.36
N THR B 363 26.66 25.73 -12.64
CA THR B 363 27.17 24.65 -11.80
C THR B 363 27.07 25.06 -10.34
N GLU B 364 26.16 24.44 -9.59
CA GLU B 364 25.99 24.70 -8.17
C GLU B 364 26.79 23.70 -7.30
N ASN B 365 27.14 22.53 -7.88
CA ASN B 365 27.90 21.48 -7.21
C ASN B 365 28.60 20.68 -8.27
N GLU B 366 29.96 20.76 -8.34
CA GLU B 366 30.78 20.04 -9.33
C GLU B 366 30.52 18.56 -9.31
N PRO B 367 30.17 17.98 -10.47
CA PRO B 367 29.87 16.55 -10.52
C PRO B 367 31.11 15.65 -10.52
N GLU B 368 30.96 14.41 -10.06
CA GLU B 368 32.06 13.47 -10.02
C GLU B 368 31.98 12.46 -11.13
N GLY B 369 32.85 12.56 -12.12
CA GLY B 369 32.88 11.61 -13.22
C GLY B 369 31.74 11.71 -14.21
N LEU B 370 31.08 12.87 -14.26
CA LEU B 370 30.01 13.09 -15.24
C LEU B 370 30.68 13.55 -16.53
N LEU B 371 30.64 12.72 -17.56
CA LEU B 371 31.25 13.04 -18.85
C LEU B 371 30.39 14.08 -19.62
N ILE B 372 30.94 15.27 -19.90
CA ILE B 372 30.24 16.28 -20.67
C ILE B 372 30.99 16.42 -22.00
N GLU B 373 30.36 16.04 -23.12
CA GLU B 373 31.04 16.10 -24.41
C GLU B 373 30.12 16.20 -25.60
N ASN B 374 30.63 16.80 -26.68
CA ASN B 374 29.94 16.98 -27.96
C ASN B 374 28.56 17.63 -27.85
N ASN B 375 28.44 18.62 -26.96
CA ASN B 375 27.21 19.40 -26.85
C ASN B 375 27.42 20.64 -27.72
N GLN B 376 26.41 21.10 -28.45
CA GLN B 376 26.57 22.25 -29.34
C GLN B 376 25.81 23.46 -28.83
N THR B 377 26.42 24.63 -28.92
CA THR B 377 25.79 25.86 -28.49
C THR B 377 26.17 27.05 -29.36
N ASP B 378 25.32 28.08 -29.36
CA ASP B 378 25.63 29.32 -30.08
C ASP B 378 26.30 30.39 -29.19
N ALA B 379 26.54 30.07 -27.90
CA ALA B 379 27.17 30.95 -26.93
C ALA B 379 28.64 31.26 -27.31
N SER B 380 29.08 32.52 -27.10
CA SER B 380 30.45 32.95 -27.41
C SER B 380 31.44 32.28 -26.46
N SER B 381 31.08 32.17 -25.17
CA SER B 381 31.94 31.52 -24.19
C SER B 381 31.49 30.08 -24.09
N LEU B 382 32.37 29.16 -24.42
CA LEU B 382 32.06 27.75 -24.43
C LEU B 382 32.47 27.07 -23.17
N PRO B 383 31.51 26.45 -22.47
CA PRO B 383 31.89 25.60 -21.33
C PRO B 383 32.58 24.33 -21.88
N LYS B 384 33.34 23.62 -21.02
CA LYS B 384 33.99 22.36 -21.42
C LYS B 384 32.92 21.35 -21.85
N GLY B 385 33.17 20.62 -22.92
CA GLY B 385 32.20 19.68 -23.46
C GLY B 385 31.26 20.29 -24.49
N PHE B 386 31.44 21.60 -24.77
CA PHE B 386 30.64 22.30 -25.75
C PHE B 386 31.44 22.78 -26.99
N THR B 387 30.81 22.78 -28.15
CA THR B 387 31.34 23.26 -29.44
C THR B 387 30.31 24.21 -30.10
N LYS B 388 30.71 24.92 -31.17
CA LYS B 388 29.78 25.76 -31.91
C LYS B 388 28.74 24.87 -32.63
N VAL B 389 27.57 25.44 -32.96
CA VAL B 389 26.54 24.69 -33.67
C VAL B 389 27.01 24.37 -35.10
N GLY B 390 27.19 23.08 -35.39
CA GLY B 390 27.62 22.62 -36.69
C GLY B 390 26.45 22.19 -37.54
N SER B 391 25.47 21.50 -36.93
CA SER B 391 24.31 21.04 -37.69
C SER B 391 23.24 22.10 -37.95
N ASP B 392 22.62 22.00 -39.12
CA ASP B 392 21.54 22.86 -39.55
C ASP B 392 20.33 22.59 -38.67
N LEU B 393 19.73 23.65 -38.15
CA LEU B 393 18.53 23.57 -37.35
C LEU B 393 17.44 24.37 -38.05
N VAL B 394 16.21 23.88 -37.99
CA VAL B 394 15.07 24.57 -38.54
C VAL B 394 14.00 24.72 -37.46
N LYS B 395 13.21 25.80 -37.53
CA LYS B 395 12.13 26.01 -36.59
C LYS B 395 10.88 25.61 -37.36
N SER B 396 10.44 24.37 -37.15
CA SER B 396 9.29 23.78 -37.84
C SER B 396 8.17 23.52 -36.83
N ASP B 397 6.94 24.03 -37.13
CA ASP B 397 5.78 23.97 -36.23
C ASP B 397 6.05 24.66 -34.89
N GLY B 398 6.83 25.72 -34.91
CA GLY B 398 7.20 26.49 -33.73
C GLY B 398 8.34 25.93 -32.89
N ILE B 399 8.87 24.76 -33.26
CA ILE B 399 9.91 24.09 -32.47
C ILE B 399 11.26 23.98 -33.20
N TRP B 400 12.36 24.36 -32.52
CA TRP B 400 13.71 24.24 -33.04
C TRP B 400 14.09 22.78 -33.06
N GLN B 401 14.39 22.27 -34.26
CA GLN B 401 14.73 20.87 -34.50
C GLN B 401 15.98 20.76 -35.41
N LYS B 402 16.62 19.58 -35.46
CA LYS B 402 17.72 19.35 -36.39
C LYS B 402 17.07 19.23 -37.76
N LYS B 403 17.62 19.87 -38.79
CA LYS B 403 17.05 19.84 -40.14
C LYS B 403 16.85 18.43 -40.67
N ASN B 404 17.77 17.52 -40.40
CA ASN B 404 17.64 16.14 -40.87
C ASN B 404 16.73 15.26 -40.00
N ASP B 405 16.20 15.78 -38.88
CA ASP B 405 15.37 15.03 -37.93
C ASP B 405 13.98 15.67 -37.74
N VAL B 406 13.53 16.52 -38.67
CA VAL B 406 12.27 17.21 -38.54
C VAL B 406 11.09 16.27 -38.59
N LYS B 407 10.18 16.45 -37.64
CA LYS B 407 8.96 15.67 -37.59
C LYS B 407 7.81 16.57 -37.18
N THR B 408 6.60 16.20 -37.59
CA THR B 408 5.41 16.96 -37.21
C THR B 408 5.11 16.48 -35.76
N PRO B 409 4.95 17.40 -34.82
CA PRO B 409 4.65 16.98 -33.44
C PRO B 409 3.34 16.20 -33.36
N PHE B 410 3.28 15.16 -32.53
CA PHE B 410 2.10 14.31 -32.41
C PHE B 410 0.76 15.03 -32.27
N TRP B 411 0.72 16.14 -31.53
CA TRP B 411 -0.55 16.82 -31.27
C TRP B 411 -1.12 17.51 -32.51
N LYS B 412 -0.30 17.71 -33.53
CA LYS B 412 -0.74 18.30 -34.78
C LYS B 412 -1.37 17.23 -35.71
N LYS B 413 -1.10 15.92 -35.48
CA LYS B 413 -1.63 14.88 -36.36
C LYS B 413 -2.40 13.79 -35.64
N GLU B 414 -2.66 13.93 -34.34
CA GLU B 414 -3.45 12.94 -33.60
C GLU B 414 -4.54 13.62 -32.81
N LYS B 415 -5.65 12.93 -32.62
CA LYS B 415 -6.74 13.43 -31.81
C LYS B 415 -6.31 13.23 -30.36
N ILE B 416 -6.35 14.28 -29.56
CA ILE B 416 -5.97 14.22 -28.15
C ILE B 416 -7.23 14.56 -27.35
N GLY B 417 -7.51 13.78 -26.32
CA GLY B 417 -8.72 13.97 -25.55
C GLY B 417 -9.89 13.27 -26.21
N PRO B 418 -11.10 13.42 -25.65
CA PRO B 418 -12.26 12.67 -26.19
C PRO B 418 -12.54 12.93 -27.66
N GLU B 419 -12.83 11.86 -28.41
CA GLU B 419 -13.13 11.88 -29.84
C GLU B 419 -14.39 12.70 -30.16
N TRP B 420 -15.34 12.77 -29.22
CA TRP B 420 -16.56 13.53 -29.42
C TRP B 420 -16.37 15.05 -29.16
N ASN B 421 -15.19 15.48 -28.69
CA ASN B 421 -14.94 16.88 -28.36
C ASN B 421 -14.07 17.50 -29.43
#